data_9QD1
#
_entry.id   9QD1
#
_cell.length_a   164.240
_cell.length_b   164.240
_cell.length_c   112.470
_cell.angle_alpha   90.00
_cell.angle_beta   90.00
_cell.angle_gamma   120.00
#
_symmetry.space_group_name_H-M   'P 61'
#
loop_
_entity.id
_entity.type
_entity.pdbx_description
1 polymer 'Attachment glycoprotein'
2 water water
#
_entity_poly.entity_id   1
_entity_poly.type   'polypeptide(L)'
_entity_poly.pdbx_seq_one_letter_code
;TGEVGIEAISMCTGTNRKLVVNQGINFVEYPSFIPGSTKPGGCVRLPSFSLGLEVFAYAHAITQDDCTSSSTPDYYFSVG
RIADHGTDVPVFETLAEWFLDDKMNRRSCSVTAAGKGGWLGCSILVGSFTDELTSPEVNRISLSYMDTFGKKKDWLYTGS
EVRADQSWSALFFSVGSGVVIGDTVYFLVWGGLNHPINVDAMCRAPGCQSPTQSLCNYAIKPQEWGGNQIVNGILHFKHD
TNEKPTLHVRTLSPDNNWMGAEGRLFHFHNSGKTFIYTRSSTWHTLPQVGILTLGWPLSVQWVDITSISRPGQSPCEYDN
RCPHQCVTGVYTDLFPLGVSYEYSVTAYLDQVQSRMNPKIALVGAQEKIYEKTITTNTQHADYTTTSCFAYKLRVWCVSI
VEMSPGVITTRQPVPFLYHLNLGCQDTSTGSLTPL
;
_entity_poly.pdbx_strand_id   A,B
#
# COMPACT_ATOMS: atom_id res chain seq x y z
N THR A 1 -12.04 15.05 16.97
CA THR A 1 -11.42 13.81 17.41
C THR A 1 -11.10 13.84 18.91
N GLY A 2 -11.39 12.73 19.59
CA GLY A 2 -11.16 12.65 21.02
C GLY A 2 -11.04 11.22 21.49
N GLU A 3 -10.76 11.06 22.77
CA GLU A 3 -10.64 9.73 23.34
C GLU A 3 -12.01 9.15 23.64
N VAL A 4 -12.10 7.82 23.58
CA VAL A 4 -13.35 7.14 23.87
C VAL A 4 -13.75 7.39 25.31
N GLY A 5 -15.04 7.66 25.53
CA GLY A 5 -15.54 7.80 26.88
C GLY A 5 -15.77 6.46 27.53
N ILE A 6 -14.69 5.81 27.97
CA ILE A 6 -14.81 4.47 28.54
C ILE A 6 -15.60 4.49 29.85
N GLU A 7 -15.69 5.66 30.50
CA GLU A 7 -16.52 5.75 31.70
C GLU A 7 -17.99 5.53 31.39
N ALA A 8 -18.48 6.11 30.28
CA ALA A 8 -19.86 5.89 29.88
C ALA A 8 -20.12 4.45 29.49
N ILE A 9 -19.15 3.80 28.82
CA ILE A 9 -19.31 2.41 28.42
C ILE A 9 -19.37 1.51 29.65
N SER A 10 -18.59 1.84 30.67
CA SER A 10 -18.58 1.03 31.88
C SER A 10 -19.94 1.05 32.59
N MET A 11 -20.64 2.18 32.54
CA MET A 11 -21.95 2.26 33.17
C MET A 11 -22.97 1.32 32.54
N CYS A 12 -22.72 0.85 31.31
CA CYS A 12 -23.60 -0.12 30.67
C CYS A 12 -23.32 -1.52 31.20
N THR A 13 -23.67 -1.72 32.47
CA THR A 13 -23.54 -3.02 33.10
C THR A 13 -24.54 -3.11 34.25
N GLY A 14 -24.86 -4.34 34.63
CA GLY A 14 -25.71 -4.57 35.78
C GLY A 14 -27.03 -5.23 35.39
N THR A 15 -28.05 -4.96 36.20
CA THR A 15 -29.33 -5.65 36.06
C THR A 15 -30.07 -5.12 34.84
N ASN A 16 -30.43 -6.02 33.93
CA ASN A 16 -31.17 -5.69 32.71
C ASN A 16 -30.43 -4.67 31.84
N ARG A 17 -29.10 -4.71 31.87
CA ARG A 17 -28.28 -3.88 30.99
C ARG A 17 -27.22 -4.77 30.35
N LYS A 18 -27.10 -4.67 29.02
CA LYS A 18 -26.16 -5.49 28.26
C LYS A 18 -25.56 -4.63 27.15
N LEU A 19 -24.24 -4.51 27.16
CA LEU A 19 -23.55 -3.84 26.05
C LEU A 19 -23.64 -4.70 24.80
N VAL A 20 -24.08 -4.11 23.71
CA VAL A 20 -24.31 -4.83 22.45
C VAL A 20 -23.77 -3.99 21.30
N VAL A 21 -23.67 -4.64 20.15
CA VAL A 21 -23.31 -4.00 18.88
C VAL A 21 -24.59 -3.90 18.04
N ASN A 22 -25.03 -2.67 17.77
CA ASN A 22 -26.30 -2.46 17.08
C ASN A 22 -26.25 -3.02 15.66
N GLN A 23 -25.21 -2.68 14.91
CA GLN A 23 -25.09 -3.08 13.52
C GLN A 23 -23.76 -3.79 13.31
N GLY A 24 -23.79 -4.83 12.47
CA GLY A 24 -22.59 -5.54 12.10
C GLY A 24 -21.50 -4.60 11.65
N ILE A 25 -20.25 -4.95 11.95
CA ILE A 25 -19.13 -4.12 11.55
C ILE A 25 -19.04 -4.07 10.04
N ASN A 26 -18.80 -2.88 9.50
CA ASN A 26 -18.61 -2.70 8.07
C ASN A 26 -17.27 -2.01 7.84
N PHE A 27 -16.42 -2.62 7.02
CA PHE A 27 -15.09 -2.08 6.78
C PHE A 27 -15.14 -0.98 5.72
N VAL A 28 -14.52 0.15 6.02
CA VAL A 28 -14.55 1.31 5.14
C VAL A 28 -13.46 1.18 4.09
N GLU A 29 -13.77 1.58 2.86
CA GLU A 29 -12.78 1.65 1.79
C GLU A 29 -12.18 3.04 1.76
N TYR A 30 -10.85 3.13 1.90
CA TYR A 30 -10.15 4.40 1.84
C TYR A 30 -8.70 4.12 1.45
N PRO A 31 -7.96 5.14 1.02
CA PRO A 31 -6.54 4.94 0.69
C PRO A 31 -5.71 4.70 1.94
N SER A 32 -5.10 3.53 2.04
CA SER A 32 -4.39 3.13 3.24
C SER A 32 -3.23 4.08 3.53
N PHE A 33 -3.06 4.44 4.80
CA PHE A 33 -1.92 5.24 5.22
C PHE A 33 -0.67 4.40 5.48
N ILE A 34 -0.76 3.08 5.29
CA ILE A 34 0.37 2.18 5.51
C ILE A 34 0.94 1.83 4.15
N PRO A 35 2.18 2.23 3.85
CA PRO A 35 2.72 1.99 2.50
C PRO A 35 3.04 0.53 2.28
N GLY A 36 2.84 0.09 1.04
CA GLY A 36 3.26 -1.23 0.66
C GLY A 36 4.74 -1.27 0.33
N SER A 37 5.24 -2.48 0.14
CA SER A 37 6.63 -2.68 -0.24
C SER A 37 6.73 -2.82 -1.76
N THR A 38 7.93 -2.62 -2.28
CA THR A 38 8.16 -2.59 -3.71
C THR A 38 9.15 -3.63 -4.20
N LYS A 39 9.73 -4.42 -3.29
CA LYS A 39 10.75 -5.38 -3.67
C LYS A 39 10.24 -6.79 -3.44
N PRO A 40 10.18 -7.63 -4.47
CA PRO A 40 9.64 -8.98 -4.32
C PRO A 40 10.40 -9.82 -3.30
N GLY A 41 9.65 -10.62 -2.55
CA GLY A 41 10.19 -11.56 -1.59
C GLY A 41 10.42 -11.05 -0.18
N GLY A 42 10.20 -9.77 0.08
CA GLY A 42 10.42 -9.23 1.40
C GLY A 42 9.31 -9.55 2.39
N CYS A 43 9.23 -8.71 3.41
CA CYS A 43 8.31 -8.87 4.51
C CYS A 43 8.10 -7.49 5.14
N VAL A 44 6.85 -7.15 5.41
CA VAL A 44 6.49 -5.94 6.13
C VAL A 44 5.75 -6.37 7.39
N ARG A 45 6.25 -5.94 8.55
CA ARG A 45 5.72 -6.49 9.79
C ARG A 45 6.02 -5.52 10.93
N LEU A 46 5.61 -5.92 12.14
CA LEU A 46 5.78 -5.18 13.38
C LEU A 46 5.18 -3.78 13.32
N PRO A 47 3.89 -3.63 13.00
CA PRO A 47 3.31 -2.30 12.97
C PRO A 47 3.14 -1.74 14.38
N SER A 48 3.43 -0.45 14.52
CA SER A 48 3.24 0.28 15.76
C SER A 48 2.41 1.51 15.43
N PHE A 49 1.35 1.75 16.21
CA PHE A 49 0.44 2.85 15.92
C PHE A 49 0.03 3.53 17.21
N SER A 50 0.16 4.85 17.22
CA SER A 50 -0.17 5.66 18.39
C SER A 50 -1.02 6.84 17.94
N LEU A 51 -2.20 6.99 18.54
CA LEU A 51 -3.06 8.14 18.29
C LEU A 51 -3.01 9.04 19.51
N GLY A 52 -2.46 10.24 19.35
CA GLY A 52 -2.31 11.19 20.43
C GLY A 52 -3.38 12.27 20.39
N LEU A 53 -3.17 13.29 21.24
CA LEU A 53 -4.13 14.39 21.34
C LEU A 53 -4.22 15.20 20.06
N GLU A 54 -3.12 15.29 19.31
CA GLU A 54 -3.05 16.12 18.11
C GLU A 54 -2.72 15.35 16.84
N VAL A 55 -1.88 14.32 16.92
CA VAL A 55 -1.38 13.60 15.76
C VAL A 55 -1.43 12.11 16.04
N PHE A 56 -1.33 11.32 14.96
CA PHE A 56 -1.01 9.91 15.09
C PHE A 56 0.42 9.66 14.60
N ALA A 57 1.02 8.60 15.11
CA ALA A 57 2.33 8.15 14.66
C ALA A 57 2.24 6.67 14.27
N TYR A 58 2.97 6.29 13.24
CA TYR A 58 2.95 4.93 12.74
C TYR A 58 4.36 4.52 12.34
N ALA A 59 4.65 3.22 12.47
CA ALA A 59 5.91 2.69 11.99
C ALA A 59 5.76 1.20 11.71
N HIS A 60 6.54 0.70 10.77
CA HIS A 60 6.68 -0.74 10.59
C HIS A 60 8.05 -1.07 10.02
N ALA A 61 8.42 -2.34 10.11
CA ALA A 61 9.70 -2.83 9.63
C ALA A 61 9.55 -3.51 8.28
N ILE A 62 10.52 -3.28 7.40
CA ILE A 62 10.61 -3.92 6.09
C ILE A 62 11.88 -4.75 6.06
N THR A 63 11.74 -6.06 5.91
CA THR A 63 12.88 -6.97 5.84
C THR A 63 12.84 -7.73 4.51
N GLN A 64 14.01 -8.20 4.08
CA GLN A 64 14.10 -9.02 2.87
C GLN A 64 14.27 -10.49 3.25
N ASP A 65 13.24 -11.03 3.89
CA ASP A 65 13.22 -12.42 4.33
C ASP A 65 11.79 -12.94 4.39
N ASP A 66 11.54 -13.92 5.25
CA ASP A 66 10.21 -14.47 5.45
C ASP A 66 9.65 -14.13 6.82
N CYS A 67 10.04 -12.96 7.36
CA CYS A 67 9.58 -12.43 8.64
C CYS A 67 10.12 -13.21 9.84
N THR A 68 10.99 -14.18 9.62
CA THR A 68 11.52 -15.00 10.69
C THR A 68 12.99 -14.76 10.97
N SER A 69 13.78 -14.42 9.96
CA SER A 69 15.18 -14.16 10.18
C SER A 69 15.37 -12.88 10.99
N SER A 70 16.62 -12.61 11.35
CA SER A 70 17.00 -11.39 12.05
C SER A 70 17.84 -10.47 11.17
N SER A 71 17.58 -10.49 9.85
CA SER A 71 18.27 -9.58 8.95
C SER A 71 17.93 -8.13 9.30
N THR A 72 18.76 -7.22 8.80
CA THR A 72 18.66 -5.83 9.18
C THR A 72 17.46 -5.18 8.50
N PRO A 73 16.45 -4.72 9.24
CA PRO A 73 15.29 -4.11 8.60
C PRO A 73 15.51 -2.66 8.21
N ASP A 74 14.78 -2.23 7.19
CA ASP A 74 14.49 -0.82 7.01
C ASP A 74 13.22 -0.49 7.76
N TYR A 75 13.15 0.72 8.28
CA TYR A 75 11.96 1.14 9.01
C TYR A 75 11.28 2.29 8.29
N TYR A 76 9.95 2.25 8.27
CA TYR A 76 9.12 3.35 7.81
C TYR A 76 8.48 3.98 9.04
N PHE A 77 8.52 5.31 9.10
CA PHE A 77 8.05 6.08 10.25
C PHE A 77 7.29 7.27 9.72
N SER A 78 6.05 7.46 10.17
CA SER A 78 5.23 8.55 9.68
C SER A 78 4.44 9.19 10.80
N VAL A 79 4.12 10.47 10.59
CA VAL A 79 3.34 11.25 11.53
C VAL A 79 2.21 11.91 10.74
N GLY A 80 1.01 11.89 11.29
CA GLY A 80 -0.13 12.45 10.58
C GLY A 80 -1.22 12.94 11.51
N ARG A 81 -2.41 13.18 10.98
CA ARG A 81 -3.51 13.67 11.79
C ARG A 81 -4.81 13.07 11.29
N ILE A 82 -5.79 12.98 12.19
CA ILE A 82 -7.15 12.62 11.80
C ILE A 82 -7.82 13.90 11.30
N ALA A 83 -8.21 13.90 10.03
CA ALA A 83 -8.69 15.12 9.40
C ALA A 83 -10.19 15.06 9.21
N ASP A 84 -10.78 16.25 9.05
CA ASP A 84 -12.20 16.41 8.80
C ASP A 84 -12.37 16.82 7.35
N HIS A 85 -12.88 15.92 6.52
CA HIS A 85 -13.18 16.20 5.12
C HIS A 85 -14.69 16.26 4.87
N GLY A 86 -15.45 16.64 5.89
CA GLY A 86 -16.88 16.85 5.71
C GLY A 86 -17.72 15.61 5.68
N THR A 87 -17.19 14.47 6.14
CA THR A 87 -17.98 13.26 6.28
C THR A 87 -17.81 12.71 7.68
N ASP A 88 -18.57 11.67 7.99
CA ASP A 88 -18.49 11.03 9.29
C ASP A 88 -17.33 10.06 9.41
N VAL A 89 -16.73 9.66 8.29
CA VAL A 89 -15.63 8.71 8.28
C VAL A 89 -14.33 9.46 8.57
N PRO A 90 -13.59 9.09 9.61
CA PRO A 90 -12.31 9.76 9.87
C PRO A 90 -11.34 9.54 8.72
N VAL A 91 -10.48 10.54 8.52
CA VAL A 91 -9.53 10.57 7.41
C VAL A 91 -8.13 10.59 7.98
N PHE A 92 -7.32 9.61 7.60
CA PHE A 92 -5.93 9.51 8.07
C PHE A 92 -5.06 10.26 7.06
N GLU A 93 -4.58 11.43 7.46
CA GLU A 93 -3.79 12.29 6.59
C GLU A 93 -2.34 12.22 7.04
N THR A 94 -1.48 11.68 6.18
CA THR A 94 -0.06 11.61 6.48
C THR A 94 0.58 12.97 6.25
N LEU A 95 1.32 13.45 7.24
CA LEU A 95 1.92 14.78 7.18
C LEU A 95 3.43 14.78 7.04
N ALA A 96 4.11 13.79 7.60
CA ALA A 96 5.57 13.70 7.49
C ALA A 96 5.97 12.24 7.49
N GLU A 97 6.95 11.91 6.67
CA GLU A 97 7.42 10.54 6.51
C GLU A 97 8.93 10.49 6.60
N TRP A 98 9.43 9.35 7.04
CA TRP A 98 10.85 9.13 7.26
C TRP A 98 11.15 7.68 6.94
N PHE A 99 11.94 7.45 5.90
CA PHE A 99 12.38 6.11 5.53
C PHE A 99 13.74 5.87 6.17
N LEU A 100 13.76 5.14 7.29
CA LEU A 100 15.00 4.86 8.01
C LEU A 100 15.63 3.60 7.44
N ASP A 101 16.36 3.78 6.34
CA ASP A 101 17.08 2.70 5.67
C ASP A 101 18.58 2.82 5.92
N ASP A 102 18.95 3.21 7.14
CA ASP A 102 20.32 3.52 7.51
C ASP A 102 21.14 2.29 7.91
N LYS A 103 20.59 1.08 7.80
CA LYS A 103 21.31 -0.17 8.08
C LYS A 103 21.86 -0.21 9.51
N MET A 104 21.28 0.56 10.42
CA MET A 104 21.72 0.59 11.81
C MET A 104 21.32 -0.65 12.58
N ASN A 105 20.40 -1.47 12.05
CA ASN A 105 19.83 -2.61 12.74
C ASN A 105 18.98 -2.17 13.93
N ARG A 106 18.05 -1.24 13.66
CA ARG A 106 17.04 -0.90 14.64
C ARG A 106 16.01 -2.03 14.73
N ARG A 107 15.70 -2.46 15.95
CA ARG A 107 14.83 -3.61 16.18
C ARG A 107 13.71 -3.23 17.14
N SER A 108 12.55 -3.85 16.92
CA SER A 108 11.47 -3.89 17.91
C SER A 108 10.97 -2.49 18.28
N CYS A 109 10.82 -1.63 17.27
CA CYS A 109 10.55 -0.23 17.52
C CYS A 109 9.10 -0.01 17.96
N SER A 110 8.90 1.00 18.81
CA SER A 110 7.58 1.50 19.18
C SER A 110 7.47 2.98 18.86
N VAL A 111 6.25 3.45 18.59
CA VAL A 111 6.01 4.87 18.40
C VAL A 111 5.15 5.40 19.55
N THR A 112 5.24 6.70 19.78
CA THR A 112 4.35 7.41 20.70
C THR A 112 4.08 8.79 20.12
N ALA A 113 2.81 9.10 19.88
CA ALA A 113 2.44 10.44 19.44
C ALA A 113 2.56 11.41 20.62
N ALA A 114 3.30 12.50 20.42
CA ALA A 114 3.58 13.44 21.50
C ALA A 114 3.49 14.85 20.93
N GLY A 115 2.46 15.58 21.34
CA GLY A 115 2.28 16.94 20.85
C GLY A 115 2.04 16.92 19.35
N LYS A 116 2.73 17.80 18.64
CA LYS A 116 2.64 17.89 17.19
C LYS A 116 3.69 17.03 16.49
N GLY A 117 4.09 15.93 17.13
CA GLY A 117 5.06 15.05 16.52
C GLY A 117 4.97 13.65 17.11
N GLY A 118 5.98 12.85 16.80
CA GLY A 118 6.01 11.48 17.25
C GLY A 118 7.42 11.07 17.65
N TRP A 119 7.49 10.16 18.61
CA TRP A 119 8.73 9.56 19.05
C TRP A 119 8.82 8.13 18.57
N LEU A 120 9.99 7.74 18.08
CA LEU A 120 10.28 6.37 17.68
C LEU A 120 11.40 5.82 18.57
N GLY A 121 11.08 4.80 19.35
CA GLY A 121 12.04 4.15 20.21
C GLY A 121 12.42 2.79 19.64
N CYS A 122 13.74 2.56 19.52
CA CYS A 122 14.26 1.35 18.91
C CYS A 122 15.42 0.81 19.71
N SER A 123 15.65 -0.48 19.57
CA SER A 123 16.82 -1.14 20.13
C SER A 123 17.84 -1.34 19.01
N ILE A 124 19.09 -1.00 19.28
CA ILE A 124 20.19 -1.20 18.35
C ILE A 124 20.90 -2.49 18.75
N LEU A 125 20.82 -3.51 17.90
CA LEU A 125 21.42 -4.80 18.17
C LEU A 125 22.61 -5.03 17.26
N VAL A 126 23.66 -5.63 17.81
CA VAL A 126 24.85 -5.97 17.04
C VAL A 126 24.82 -7.41 16.56
N GLY A 127 24.26 -8.31 17.37
CA GLY A 127 24.14 -9.72 17.00
C GLY A 127 22.70 -10.18 17.13
N SER A 128 22.54 -11.46 17.46
CA SER A 128 21.22 -12.01 17.70
C SER A 128 20.71 -11.55 19.06
N PHE A 129 19.40 -11.62 19.24
CA PHE A 129 18.82 -11.15 20.49
C PHE A 129 19.16 -12.08 21.66
N THR A 130 19.34 -13.37 21.39
CA THR A 130 19.77 -14.28 22.45
C THR A 130 21.18 -13.96 22.92
N ASP A 131 22.08 -13.64 21.99
CA ASP A 131 23.41 -13.19 22.40
C ASP A 131 23.33 -11.90 23.20
N GLU A 132 22.42 -11.01 22.82
CA GLU A 132 22.24 -9.77 23.58
C GLU A 132 21.71 -10.05 24.98
N LEU A 133 20.79 -11.00 25.10
CA LEU A 133 20.22 -11.31 26.41
C LEU A 133 21.28 -11.89 27.35
N THR A 134 22.17 -12.73 26.82
CA THR A 134 23.20 -13.34 27.66
C THR A 134 24.30 -12.33 28.01
N SER A 135 24.74 -11.54 27.03
CA SER A 135 25.84 -10.61 27.25
C SER A 135 25.48 -9.60 28.33
N PRO A 136 26.33 -9.38 29.33
CA PRO A 136 25.95 -8.47 30.42
C PRO A 136 25.86 -7.00 30.02
N GLU A 137 26.56 -6.55 28.98
CA GLU A 137 26.36 -5.18 28.54
C GLU A 137 25.04 -5.03 27.80
N VAL A 138 24.26 -4.03 28.19
CA VAL A 138 22.99 -3.79 27.54
C VAL A 138 23.23 -3.20 26.16
N ASN A 139 22.36 -3.55 25.22
CA ASN A 139 22.43 -2.99 23.88
C ASN A 139 22.19 -1.48 23.93
N ARG A 140 22.62 -0.80 22.87
CA ARG A 140 22.27 0.59 22.73
C ARG A 140 20.82 0.71 22.28
N ILE A 141 20.22 1.86 22.54
CA ILE A 141 18.89 2.17 22.04
C ILE A 141 18.93 3.54 21.39
N SER A 142 17.99 3.76 20.47
CA SER A 142 17.85 5.02 19.78
C SER A 142 16.48 5.62 20.03
N LEU A 143 16.43 6.95 20.07
CA LEU A 143 15.20 7.70 20.17
C LEU A 143 15.18 8.72 19.05
N SER A 144 14.17 8.66 18.21
CA SER A 144 14.02 9.57 17.09
C SER A 144 12.71 10.35 17.23
N TYR A 145 12.77 11.65 16.97
CA TYR A 145 11.59 12.49 17.01
C TYR A 145 11.39 13.12 15.63
N MET A 146 10.14 13.22 15.21
CA MET A 146 9.79 13.88 13.97
C MET A 146 8.50 14.62 14.18
N ASP A 147 8.42 15.86 13.70
CA ASP A 147 7.22 16.64 13.84
C ASP A 147 6.49 16.70 12.51
N THR A 148 5.34 17.39 12.50
CA THR A 148 4.51 17.43 11.31
C THR A 148 5.13 18.20 10.17
N PHE A 149 6.18 18.98 10.42
CA PHE A 149 6.90 19.66 9.37
C PHE A 149 8.03 18.82 8.79
N GLY A 150 8.25 17.62 9.32
CA GLY A 150 9.32 16.76 8.87
C GLY A 150 10.67 17.00 9.50
N LYS A 151 10.79 17.97 10.40
CA LYS A 151 12.03 18.14 11.14
C LYS A 151 12.29 16.91 12.00
N LYS A 152 13.55 16.47 12.04
CA LYS A 152 13.91 15.18 12.59
C LYS A 152 14.99 15.30 13.64
N LYS A 153 14.89 14.47 14.67
CA LYS A 153 15.94 14.30 15.66
C LYS A 153 16.21 12.81 15.80
N ASP A 154 17.47 12.47 16.06
CA ASP A 154 17.89 11.07 16.16
C ASP A 154 18.96 11.00 17.24
N TRP A 155 18.65 10.35 18.35
CA TRP A 155 19.54 10.27 19.50
C TRP A 155 19.95 8.82 19.76
N LEU A 156 21.22 8.62 20.07
CA LEU A 156 21.75 7.30 20.40
C LEU A 156 22.17 7.26 21.87
N TYR A 157 21.85 6.16 22.54
CA TYR A 157 22.14 6.01 23.96
C TYR A 157 22.90 4.72 24.22
N THR A 158 23.96 4.82 25.02
CA THR A 158 24.53 3.64 25.66
C THR A 158 23.89 3.44 27.04
N GLY A 159 24.09 2.24 27.59
CA GLY A 159 23.48 1.92 28.88
C GLY A 159 23.91 2.85 30.01
N SER A 160 25.15 3.35 29.96
CA SER A 160 25.64 4.24 31.00
C SER A 160 24.89 5.57 31.05
N GLU A 161 24.12 5.90 30.01
CA GLU A 161 23.32 7.13 30.04
C GLU A 161 21.92 6.92 30.58
N VAL A 162 21.48 5.66 30.73
CA VAL A 162 20.13 5.35 31.16
C VAL A 162 20.13 5.11 32.65
N ARG A 163 19.34 5.89 33.37
CA ARG A 163 19.18 5.73 34.82
C ARG A 163 18.18 4.63 35.08
N ALA A 164 18.67 3.43 35.38
CA ALA A 164 17.84 2.26 35.61
C ALA A 164 17.92 1.81 37.06
N ASP A 165 16.81 1.28 37.57
CA ASP A 165 16.75 0.73 38.91
C ASP A 165 17.37 -0.65 39.02
N GLN A 166 17.69 -1.29 37.90
CA GLN A 166 18.24 -2.65 37.88
C GLN A 166 19.27 -2.72 36.77
N SER A 167 20.06 -3.79 36.79
CA SER A 167 21.06 -4.03 35.75
C SER A 167 20.47 -4.93 34.68
N TRP A 168 20.14 -4.35 33.53
CA TRP A 168 19.56 -5.10 32.43
C TRP A 168 20.65 -5.61 31.50
N SER A 169 20.51 -6.85 31.06
CA SER A 169 21.39 -7.37 30.03
C SER A 169 20.96 -6.93 28.63
N ALA A 170 19.66 -6.72 28.42
CA ALA A 170 19.13 -6.31 27.14
C ALA A 170 17.85 -5.52 27.35
N LEU A 171 17.62 -4.55 26.48
CA LEU A 171 16.45 -3.68 26.60
C LEU A 171 15.84 -3.53 25.22
N PHE A 172 14.62 -4.06 25.05
CA PHE A 172 13.89 -3.98 23.80
C PHE A 172 12.63 -3.17 23.99
N PHE A 173 12.28 -2.36 23.00
CA PHE A 173 11.00 -1.69 23.03
C PHE A 173 9.88 -2.68 22.71
N SER A 174 8.65 -2.28 23.01
CA SER A 174 7.55 -3.22 23.11
C SER A 174 6.79 -3.45 21.82
N VAL A 175 7.20 -2.80 20.72
CA VAL A 175 6.51 -2.84 19.42
C VAL A 175 5.21 -2.05 19.50
N GLY A 176 4.34 -2.43 20.43
CA GLY A 176 3.14 -1.64 20.68
C GLY A 176 3.48 -0.25 21.18
N SER A 177 2.55 0.67 20.99
CA SER A 177 2.79 2.07 21.24
C SER A 177 2.99 2.36 22.74
N GLY A 178 3.67 3.46 23.02
CA GLY A 178 3.68 4.06 24.33
C GLY A 178 2.66 5.17 24.43
N VAL A 179 2.79 5.98 25.49
CA VAL A 179 1.89 7.08 25.75
C VAL A 179 2.66 8.26 26.31
N VAL A 180 2.08 9.44 26.16
CA VAL A 180 2.54 10.65 26.82
C VAL A 180 1.51 11.05 27.87
N ILE A 181 1.97 11.33 29.08
CA ILE A 181 1.13 11.79 30.17
C ILE A 181 1.73 13.11 30.65
N GLY A 182 1.01 14.21 30.41
CA GLY A 182 1.53 15.52 30.71
C GLY A 182 2.73 15.86 29.84
N ASP A 183 3.90 15.96 30.46
CA ASP A 183 5.13 16.33 29.75
C ASP A 183 6.10 15.16 29.62
N THR A 184 5.68 13.95 29.99
CA THR A 184 6.57 12.80 30.03
C THR A 184 6.07 11.75 29.04
N VAL A 185 7.00 11.20 28.26
CA VAL A 185 6.71 10.12 27.32
C VAL A 185 7.03 8.81 28.02
N TYR A 186 6.12 7.83 27.89
CA TYR A 186 6.31 6.52 28.50
C TYR A 186 6.31 5.44 27.43
N PHE A 187 7.33 4.60 27.46
CA PHE A 187 7.41 3.42 26.60
C PHE A 187 7.42 2.18 27.48
N LEU A 188 6.71 1.15 27.03
CA LEU A 188 6.88 -0.17 27.62
C LEU A 188 8.11 -0.83 27.01
N VAL A 189 8.94 -1.41 27.86
CA VAL A 189 10.13 -2.13 27.40
C VAL A 189 10.14 -3.50 28.06
N TRP A 190 10.90 -4.40 27.45
CA TRP A 190 11.11 -5.72 28.02
C TRP A 190 12.54 -6.15 27.72
N GLY A 191 13.03 -7.11 28.50
CA GLY A 191 14.40 -7.55 28.33
C GLY A 191 14.82 -8.50 29.44
N GLY A 192 16.12 -8.61 29.64
CA GLY A 192 16.69 -9.54 30.60
C GLY A 192 17.40 -8.80 31.72
N LEU A 193 17.39 -9.40 32.90
CA LEU A 193 18.14 -8.89 34.04
C LEU A 193 19.45 -9.66 34.16
N ASN A 194 20.53 -8.95 34.46
CA ASN A 194 21.79 -9.62 34.77
C ASN A 194 21.69 -10.42 36.06
N HIS A 195 21.08 -9.81 37.08
CA HIS A 195 20.91 -10.43 38.39
C HIS A 195 19.43 -10.49 38.72
N PRO A 196 18.84 -11.68 38.83
CA PRO A 196 17.38 -11.77 38.97
C PRO A 196 16.89 -11.13 40.26
N ILE A 197 15.68 -10.58 40.20
CA ILE A 197 15.00 -10.12 41.40
C ILE A 197 14.48 -11.36 42.12
N ASN A 198 14.85 -11.52 43.39
CA ASN A 198 14.64 -12.76 44.12
C ASN A 198 13.22 -12.79 44.71
N VAL A 199 12.25 -13.02 43.83
CA VAL A 199 10.85 -13.17 44.19
C VAL A 199 10.25 -14.26 43.31
N ASP A 200 9.15 -14.83 43.77
CA ASP A 200 8.42 -15.82 43.00
C ASP A 200 7.66 -15.16 41.86
N ALA A 201 7.60 -15.85 40.72
CA ALA A 201 6.78 -15.38 39.61
C ALA A 201 5.32 -15.26 40.05
N MET A 202 4.55 -14.49 39.30
CA MET A 202 3.20 -14.14 39.75
C MET A 202 2.32 -15.39 39.85
N CYS A 203 2.30 -16.21 38.80
CA CYS A 203 1.52 -17.45 38.78
C CYS A 203 0.02 -17.19 38.96
N ARG A 204 -0.50 -16.30 38.12
CA ARG A 204 -1.93 -16.02 38.02
C ARG A 204 -2.48 -16.84 36.87
N ALA A 205 -3.22 -17.90 37.19
CA ALA A 205 -3.65 -18.88 36.18
C ALA A 205 -5.14 -19.13 36.32
N PRO A 206 -5.98 -18.22 35.82
CA PRO A 206 -7.43 -18.45 35.86
C PRO A 206 -7.80 -19.69 35.06
N GLY A 207 -8.57 -20.57 35.67
CA GLY A 207 -8.91 -21.82 35.02
C GLY A 207 -7.94 -22.94 35.25
N CYS A 208 -6.95 -22.75 36.13
CA CYS A 208 -6.00 -23.80 36.48
C CYS A 208 -6.29 -24.29 37.88
N GLN A 209 -6.55 -25.58 38.01
CA GLN A 209 -6.90 -26.15 39.31
C GLN A 209 -5.74 -26.06 40.30
N SER A 210 -4.54 -26.44 39.87
CA SER A 210 -3.35 -26.38 40.73
C SER A 210 -2.18 -25.81 39.94
N PRO A 211 -2.01 -24.48 39.94
CA PRO A 211 -0.83 -23.88 39.30
C PRO A 211 0.42 -24.09 40.15
N THR A 212 1.43 -24.72 39.55
CA THR A 212 2.70 -25.02 40.22
C THR A 212 3.58 -23.77 40.22
N GLN A 213 3.86 -23.23 41.41
CA GLN A 213 4.68 -22.02 41.50
C GLN A 213 6.05 -22.22 40.87
N SER A 214 6.63 -23.42 41.00
CA SER A 214 7.95 -23.66 40.44
C SER A 214 7.94 -23.54 38.92
N LEU A 215 6.92 -24.10 38.26
CA LEU A 215 6.81 -23.97 36.81
C LEU A 215 6.65 -22.53 36.39
N CYS A 216 5.91 -21.74 37.17
CA CYS A 216 5.81 -20.31 36.90
C CYS A 216 7.18 -19.64 36.96
N ASN A 217 8.02 -20.08 37.91
CA ASN A 217 9.36 -19.52 38.04
C ASN A 217 10.26 -19.91 36.87
N TYR A 218 10.13 -21.14 36.38
CA TYR A 218 10.92 -21.55 35.23
C TYR A 218 10.50 -20.81 33.97
N ALA A 219 9.23 -20.42 33.88
CA ALA A 219 8.69 -19.86 32.65
C ALA A 219 9.31 -18.51 32.32
N ILE A 220 9.68 -17.71 33.33
CA ILE A 220 10.24 -16.39 33.08
C ILE A 220 11.76 -16.41 32.94
N LYS A 221 12.39 -17.58 32.98
CA LYS A 221 13.83 -17.71 32.73
C LYS A 221 14.08 -18.79 31.68
N PRO A 222 13.56 -18.62 30.47
CA PRO A 222 13.75 -19.66 29.44
C PRO A 222 15.22 -19.92 29.17
N GLN A 223 15.61 -21.20 29.19
CA GLN A 223 17.01 -21.57 29.00
C GLN A 223 17.47 -21.29 27.58
N GLU A 224 16.58 -21.46 26.60
CA GLU A 224 16.93 -21.21 25.21
C GLU A 224 17.43 -19.79 24.98
N TRP A 225 17.21 -18.88 25.93
CA TRP A 225 17.66 -17.50 25.83
C TRP A 225 18.82 -17.17 26.77
N GLY A 226 19.37 -18.17 27.46
CA GLY A 226 20.45 -17.94 28.39
C GLY A 226 20.08 -17.97 29.85
N GLY A 227 18.80 -18.18 30.19
CA GLY A 227 18.40 -18.38 31.56
C GLY A 227 18.31 -17.15 32.43
N ASN A 228 18.41 -15.96 31.86
CA ASN A 228 18.20 -14.76 32.66
C ASN A 228 16.70 -14.52 32.88
N GLN A 229 16.40 -13.79 33.93
CA GLN A 229 15.02 -13.40 34.23
C GLN A 229 14.54 -12.41 33.16
N ILE A 230 13.46 -12.76 32.47
CA ILE A 230 12.89 -11.91 31.43
C ILE A 230 11.79 -11.05 32.05
N VAL A 231 11.95 -9.73 31.99
CA VAL A 231 11.07 -8.81 32.68
C VAL A 231 10.54 -7.74 31.72
N ASN A 232 9.50 -7.04 32.16
CA ASN A 232 9.03 -5.81 31.56
C ASN A 232 9.49 -4.62 32.40
N GLY A 233 9.52 -3.45 31.77
CA GLY A 233 9.84 -2.23 32.46
C GLY A 233 9.17 -1.05 31.78
N ILE A 234 9.34 0.12 32.38
CA ILE A 234 8.82 1.38 31.85
C ILE A 234 10.00 2.31 31.62
N LEU A 235 10.17 2.75 30.38
CA LEU A 235 11.14 3.78 30.03
C LEU A 235 10.39 5.10 29.86
N HIS A 236 10.85 6.15 30.54
CA HIS A 236 10.20 7.45 30.43
C HIS A 236 11.24 8.54 30.39
N PHE A 237 10.82 9.70 29.88
CA PHE A 237 11.69 10.86 29.76
C PHE A 237 10.83 12.10 29.57
N LYS A 238 11.34 13.25 30.01
CA LYS A 238 10.68 14.51 29.78
C LYS A 238 10.73 14.87 28.29
N HIS A 239 9.59 15.23 27.73
CA HIS A 239 9.51 15.52 26.30
C HIS A 239 10.35 16.74 25.96
N ASP A 240 11.32 16.57 25.06
CA ASP A 240 12.25 17.63 24.68
C ASP A 240 12.62 17.46 23.23
N THR A 241 12.25 18.42 22.39
CA THR A 241 12.53 18.37 20.96
C THR A 241 13.82 19.09 20.57
N ASN A 242 14.60 19.55 21.55
CA ASN A 242 15.85 20.24 21.25
C ASN A 242 17.07 19.54 21.84
N GLU A 243 17.10 19.29 23.14
CA GLU A 243 18.21 18.59 23.76
C GLU A 243 17.89 17.10 23.93
N LYS A 244 18.95 16.33 24.10
CA LYS A 244 18.85 14.89 24.28
C LYS A 244 18.11 14.55 25.58
N PRO A 245 16.95 13.91 25.50
CA PRO A 245 16.20 13.59 26.74
C PRO A 245 16.98 12.65 27.64
N THR A 246 16.73 12.76 28.94
CA THR A 246 17.36 11.92 29.94
C THR A 246 16.43 10.75 30.25
N LEU A 247 16.93 9.54 30.04
CA LEU A 247 16.09 8.35 30.11
C LEU A 247 16.14 7.72 31.50
N HIS A 248 14.98 7.24 31.96
CA HIS A 248 14.86 6.50 33.20
C HIS A 248 14.11 5.21 32.92
N VAL A 249 14.59 4.12 33.50
CA VAL A 249 13.93 2.81 33.40
C VAL A 249 13.56 2.35 34.79
N ARG A 250 12.30 1.95 34.96
CA ARG A 250 11.82 1.28 36.16
C ARG A 250 11.43 -0.14 35.79
N THR A 251 11.75 -1.08 36.66
CA THR A 251 11.46 -2.48 36.41
C THR A 251 10.17 -2.87 37.12
N LEU A 252 9.35 -3.68 36.44
CA LEU A 252 8.15 -4.24 37.04
C LEU A 252 8.51 -5.57 37.68
N SER A 253 8.26 -5.69 38.98
CA SER A 253 8.72 -6.85 39.73
C SER A 253 8.13 -8.13 39.15
N PRO A 254 8.90 -9.22 39.07
CA PRO A 254 8.38 -10.46 38.47
C PRO A 254 7.26 -11.12 39.25
N ASP A 255 7.00 -10.73 40.50
CA ASP A 255 5.84 -11.25 41.21
C ASP A 255 4.55 -10.55 40.80
N ASN A 256 4.63 -9.53 39.96
CA ASN A 256 3.49 -8.76 39.50
C ASN A 256 3.40 -8.80 37.97
N ASN A 257 3.86 -9.89 37.36
CA ASN A 257 3.89 -9.98 35.92
C ASN A 257 4.12 -11.43 35.51
N TRP A 258 3.74 -11.74 34.27
CA TRP A 258 4.16 -12.97 33.61
C TRP A 258 5.53 -12.71 33.00
N MET A 259 5.97 -13.54 32.07
CA MET A 259 7.25 -13.29 31.42
C MET A 259 7.22 -11.96 30.66
N GLY A 260 8.29 -11.18 30.82
CA GLY A 260 8.45 -9.94 30.09
C GLY A 260 8.22 -10.13 28.60
N ALA A 261 7.52 -9.21 27.94
CA ALA A 261 7.16 -9.44 26.56
C ALA A 261 6.83 -8.11 25.89
N GLU A 262 6.71 -8.16 24.56
CA GLU A 262 6.12 -7.07 23.81
C GLU A 262 4.78 -6.69 24.41
N GLY A 263 4.37 -5.45 24.20
CA GLY A 263 3.11 -4.99 24.74
C GLY A 263 2.83 -3.55 24.39
N ARG A 264 1.96 -2.93 25.17
CA ARG A 264 1.47 -1.62 24.79
C ARG A 264 0.94 -0.90 26.02
N LEU A 265 1.05 0.42 26.01
CA LEU A 265 0.45 1.28 27.01
C LEU A 265 -0.70 2.07 26.39
N PHE A 266 -1.74 2.29 27.17
CA PHE A 266 -2.86 3.14 26.80
C PHE A 266 -3.08 4.14 27.93
N HIS A 267 -3.57 5.32 27.57
CA HIS A 267 -3.84 6.32 28.58
C HIS A 267 -5.05 7.15 28.18
N PHE A 268 -5.90 7.42 29.16
CA PHE A 268 -7.11 8.21 28.96
C PHE A 268 -7.03 9.43 29.88
N HIS A 269 -6.98 10.62 29.28
CA HIS A 269 -6.73 11.83 30.05
C HIS A 269 -7.93 12.21 30.90
N ASN A 270 -9.15 11.84 30.47
CA ASN A 270 -10.34 12.19 31.24
C ASN A 270 -10.35 11.49 32.58
N SER A 271 -10.20 10.16 32.58
CA SER A 271 -10.17 9.40 33.82
C SER A 271 -8.80 9.35 34.48
N GLY A 272 -7.74 9.74 33.77
CA GLY A 272 -6.41 9.61 34.34
C GLY A 272 -5.90 8.19 34.40
N LYS A 273 -6.64 7.22 33.85
CA LYS A 273 -6.27 5.82 33.93
C LYS A 273 -5.22 5.47 32.89
N THR A 274 -4.22 4.69 33.31
CA THR A 274 -3.23 4.11 32.41
C THR A 274 -3.40 2.60 32.39
N PHE A 275 -3.52 2.04 31.19
CA PHE A 275 -3.70 0.61 31.01
C PHE A 275 -2.48 0.00 30.33
N ILE A 276 -2.34 -1.30 30.48
CA ILE A 276 -1.21 -2.03 29.92
C ILE A 276 -1.71 -3.34 29.31
N TYR A 277 -1.16 -3.68 28.14
CA TYR A 277 -1.30 -4.99 27.55
C TYR A 277 0.09 -5.56 27.34
N THR A 278 0.25 -6.86 27.55
CA THR A 278 1.46 -7.55 27.14
C THR A 278 1.07 -8.81 26.38
N ARG A 279 1.92 -9.17 25.42
CA ARG A 279 1.74 -10.39 24.66
C ARG A 279 1.82 -11.61 25.56
N SER A 280 0.97 -12.60 25.29
CA SER A 280 0.94 -13.84 26.06
C SER A 280 1.90 -14.84 25.42
N SER A 281 3.19 -14.69 25.76
CA SER A 281 4.24 -15.47 25.10
C SER A 281 4.45 -16.85 25.73
N THR A 282 3.93 -17.10 26.92
CA THR A 282 4.24 -18.35 27.60
C THR A 282 3.01 -19.22 27.82
N TRP A 283 2.94 -19.88 28.98
CA TRP A 283 1.86 -20.81 29.28
C TRP A 283 0.53 -20.10 29.46
N HIS A 284 0.54 -18.87 29.96
CA HIS A 284 -0.67 -18.11 30.23
C HIS A 284 -1.19 -17.51 28.92
N THR A 285 -2.12 -18.21 28.27
CA THR A 285 -2.59 -17.85 26.95
C THR A 285 -3.80 -16.91 26.98
N LEU A 286 -4.31 -16.58 28.15
CA LEU A 286 -5.40 -15.61 28.26
C LEU A 286 -4.84 -14.20 28.16
N PRO A 287 -5.68 -13.22 27.80
CA PRO A 287 -5.20 -11.85 27.67
C PRO A 287 -4.50 -11.38 28.94
N GLN A 288 -3.41 -10.66 28.76
CA GLN A 288 -2.67 -10.07 29.87
C GLN A 288 -2.91 -8.56 29.80
N VAL A 289 -3.88 -8.10 30.58
CA VAL A 289 -4.37 -6.74 30.54
C VAL A 289 -4.58 -6.26 31.97
N GLY A 290 -4.29 -4.99 32.23
CA GLY A 290 -4.41 -4.50 33.59
C GLY A 290 -4.35 -2.99 33.63
N ILE A 291 -4.54 -2.47 34.82
CA ILE A 291 -4.45 -1.04 35.10
C ILE A 291 -3.06 -0.78 35.67
N LEU A 292 -2.32 0.12 35.02
CA LEU A 292 -0.94 0.38 35.37
C LEU A 292 -0.86 1.58 36.31
N THR A 293 -0.13 1.44 37.41
CA THR A 293 0.18 2.54 38.31
C THR A 293 1.63 2.93 38.12
N LEU A 294 1.87 4.17 37.71
CA LEU A 294 3.22 4.65 37.40
C LEU A 294 3.93 5.20 38.62
N GLY A 295 3.99 4.41 39.69
CA GLY A 295 4.68 4.81 40.90
C GLY A 295 6.06 4.18 41.02
N TRP A 296 6.67 4.40 42.17
CA TRP A 296 7.96 3.81 42.50
C TRP A 296 7.77 2.88 43.69
N PRO A 297 7.66 1.57 43.48
CA PRO A 297 7.82 0.84 42.23
C PRO A 297 6.55 0.75 41.39
N LEU A 298 6.66 0.14 40.22
CA LEU A 298 5.50 -0.06 39.35
C LEU A 298 4.63 -1.18 39.89
N SER A 299 3.32 -1.04 39.66
CA SER A 299 2.37 -2.09 40.00
C SER A 299 1.27 -2.13 38.96
N VAL A 300 0.81 -3.33 38.63
CA VAL A 300 -0.28 -3.54 37.70
C VAL A 300 -1.40 -4.28 38.43
N GLN A 301 -2.62 -3.75 38.31
CA GLN A 301 -3.81 -4.47 38.74
C GLN A 301 -4.33 -5.24 37.53
N TRP A 302 -4.00 -6.52 37.46
CA TRP A 302 -4.39 -7.32 36.31
C TRP A 302 -5.87 -7.66 36.36
N VAL A 303 -6.45 -7.88 35.18
CA VAL A 303 -7.87 -8.14 35.01
C VAL A 303 -8.03 -9.49 34.32
N ASP A 304 -8.85 -10.36 34.90
CA ASP A 304 -9.04 -11.69 34.35
C ASP A 304 -10.01 -11.64 33.18
N ILE A 305 -9.54 -12.01 32.00
CA ILE A 305 -10.35 -12.13 30.80
C ILE A 305 -10.22 -13.57 30.32
N THR A 306 -11.36 -14.25 30.14
CA THR A 306 -11.34 -15.64 29.73
C THR A 306 -12.04 -15.88 28.40
N SER A 307 -12.53 -14.84 27.72
CA SER A 307 -13.33 -15.04 26.52
C SER A 307 -12.51 -15.40 25.30
N ILE A 308 -11.26 -14.93 25.20
CA ILE A 308 -10.46 -15.14 24.00
C ILE A 308 -9.04 -15.52 24.41
N SER A 309 -8.29 -16.02 23.44
CA SER A 309 -6.89 -16.37 23.63
C SER A 309 -6.12 -16.06 22.35
N ARG A 310 -5.05 -16.82 22.08
CA ARG A 310 -4.24 -16.62 20.90
C ARG A 310 -3.68 -17.96 20.50
N PRO A 311 -3.40 -18.18 19.22
CA PRO A 311 -2.77 -19.45 18.81
C PRO A 311 -1.35 -19.56 19.33
N GLY A 312 -0.95 -20.81 19.62
CA GLY A 312 0.38 -21.08 20.13
C GLY A 312 0.75 -22.53 19.92
N GLN A 313 2.03 -22.81 20.07
CA GLN A 313 2.51 -24.20 19.99
C GLN A 313 2.12 -24.96 21.25
N SER A 314 1.57 -26.16 21.08
CA SER A 314 1.26 -26.98 22.24
C SER A 314 2.56 -27.32 22.97
N PRO A 315 2.54 -27.37 24.31
CA PRO A 315 1.38 -27.40 25.21
C PRO A 315 0.80 -26.02 25.52
N CYS A 316 1.22 -24.97 24.82
CA CYS A 316 0.72 -23.64 25.12
C CYS A 316 -0.11 -23.09 23.96
N GLU A 317 -0.99 -23.93 23.42
CA GLU A 317 -1.87 -23.55 22.33
C GLU A 317 -3.07 -22.78 22.87
N TYR A 318 -4.00 -22.45 21.98
CA TYR A 318 -5.15 -21.62 22.32
C TYR A 318 -5.89 -22.15 23.54
N ASP A 319 -6.05 -21.28 24.54
CA ASP A 319 -6.86 -21.46 25.75
C ASP A 319 -6.22 -22.35 26.81
N ASN A 320 -4.97 -22.75 26.64
CA ASN A 320 -4.30 -23.49 27.71
C ASN A 320 -4.23 -22.64 28.98
N ARG A 321 -4.43 -23.28 30.12
CA ARG A 321 -4.50 -22.58 31.40
C ARG A 321 -3.40 -22.97 32.38
N CYS A 322 -2.64 -24.04 32.11
CA CYS A 322 -1.75 -24.54 33.15
C CYS A 322 -0.30 -24.19 32.86
N PRO A 323 0.49 -23.86 33.89
CA PRO A 323 1.88 -23.46 33.66
C PRO A 323 2.67 -24.53 32.93
N HIS A 324 3.52 -24.09 32.02
CA HIS A 324 4.45 -24.94 31.28
C HIS A 324 5.70 -24.13 30.98
N GLN A 325 6.68 -24.78 30.37
CA GLN A 325 7.90 -24.13 29.91
C GLN A 325 7.80 -24.03 28.39
N CYS A 326 7.45 -22.84 27.90
CA CYS A 326 7.21 -22.63 26.48
C CYS A 326 7.38 -21.15 26.17
N VAL A 327 7.80 -20.87 24.94
CA VAL A 327 7.81 -19.51 24.40
C VAL A 327 7.14 -19.59 23.03
N THR A 328 5.95 -19.01 22.92
CA THR A 328 5.19 -19.06 21.68
C THR A 328 4.21 -17.89 21.70
N GLY A 329 3.12 -18.00 20.94
CA GLY A 329 2.10 -16.98 20.99
C GLY A 329 2.28 -15.91 19.93
N VAL A 330 1.59 -14.79 20.14
CA VAL A 330 1.53 -13.73 19.14
C VAL A 330 1.00 -12.46 19.78
N TYR A 331 1.44 -11.32 19.25
CA TYR A 331 0.94 -10.02 19.70
C TYR A 331 -0.40 -9.74 19.01
N THR A 332 -1.47 -9.62 19.80
CA THR A 332 -2.80 -9.21 19.31
C THR A 332 -3.41 -8.40 20.46
N ASP A 333 -3.17 -7.09 20.45
CA ASP A 333 -3.54 -6.34 21.64
C ASP A 333 -5.05 -6.10 21.69
N LEU A 334 -5.52 -5.71 22.87
CA LEU A 334 -6.92 -5.45 23.15
C LEU A 334 -7.05 -4.00 23.59
N PHE A 335 -7.83 -3.22 22.87
CA PHE A 335 -8.02 -1.83 23.24
C PHE A 335 -9.07 -1.74 24.34
N PRO A 336 -8.75 -1.15 25.49
CA PRO A 336 -9.74 -1.10 26.59
C PRO A 336 -10.89 -0.15 26.27
N LEU A 337 -12.11 -0.64 26.47
CA LEU A 337 -13.31 0.17 26.31
C LEU A 337 -14.04 0.42 27.62
N GLY A 338 -13.54 -0.12 28.73
CA GLY A 338 -14.10 0.17 30.03
C GLY A 338 -13.00 0.59 30.98
N VAL A 339 -13.40 1.30 32.04
CA VAL A 339 -12.45 1.83 33.01
C VAL A 339 -11.72 0.75 33.78
N SER A 340 -12.16 -0.50 33.67
CA SER A 340 -11.51 -1.62 34.35
C SER A 340 -11.16 -2.74 33.38
N TYR A 341 -11.02 -2.43 32.09
CA TYR A 341 -10.72 -3.41 31.05
C TYR A 341 -11.79 -4.49 30.94
N GLU A 342 -12.96 -4.28 31.55
CA GLU A 342 -14.03 -5.27 31.50
C GLU A 342 -14.63 -5.39 30.11
N TYR A 343 -14.49 -4.34 29.28
CA TYR A 343 -14.86 -4.37 27.89
C TYR A 343 -13.65 -4.00 27.05
N SER A 344 -13.52 -4.63 25.87
CA SER A 344 -12.42 -4.30 24.99
C SER A 344 -12.73 -4.82 23.59
N VAL A 345 -12.00 -4.29 22.61
CA VAL A 345 -12.13 -4.72 21.22
C VAL A 345 -10.74 -5.05 20.69
N THR A 346 -10.68 -6.04 19.80
CA THR A 346 -9.41 -6.59 19.36
C THR A 346 -9.59 -7.29 18.02
N ALA A 347 -8.50 -7.39 17.29
CA ALA A 347 -8.38 -8.34 16.19
C ALA A 347 -7.56 -9.51 16.71
N TYR A 348 -8.20 -10.66 16.88
CA TYR A 348 -7.54 -11.85 17.42
C TYR A 348 -7.59 -12.97 16.39
N LEU A 349 -6.72 -13.96 16.59
CA LEU A 349 -6.61 -15.11 15.70
C LEU A 349 -7.33 -16.29 16.34
N ASP A 350 -8.42 -16.73 15.72
CA ASP A 350 -9.26 -17.79 16.25
C ASP A 350 -8.78 -19.12 15.67
N GLN A 351 -7.75 -19.68 16.32
CA GLN A 351 -7.13 -20.90 15.84
C GLN A 351 -6.32 -21.48 16.99
N VAL A 352 -6.07 -22.78 16.92
CA VAL A 352 -5.45 -23.48 18.05
C VAL A 352 -3.95 -23.27 18.04
N GLN A 353 -3.30 -23.63 16.94
CA GLN A 353 -1.85 -23.48 16.81
C GLN A 353 -1.44 -22.64 15.62
N SER A 354 -2.10 -22.80 14.48
CA SER A 354 -1.76 -22.02 13.31
C SER A 354 -2.17 -20.56 13.49
N ARG A 355 -1.52 -19.69 12.74
CA ARG A 355 -1.80 -18.26 12.78
C ARG A 355 -2.73 -17.93 11.61
N MET A 356 -4.03 -18.11 11.85
CA MET A 356 -5.02 -17.84 10.82
C MET A 356 -6.34 -17.49 11.49
N ASN A 357 -7.33 -17.19 10.64
CA ASN A 357 -8.70 -16.86 11.04
C ASN A 357 -8.74 -15.59 11.88
N PRO A 358 -8.27 -14.46 11.37
CA PRO A 358 -8.35 -13.22 12.17
C PRO A 358 -9.78 -12.70 12.19
N LYS A 359 -10.21 -12.27 13.38
CA LYS A 359 -11.55 -11.75 13.59
C LYS A 359 -11.49 -10.50 14.45
N ILE A 360 -12.32 -9.52 14.12
CA ILE A 360 -12.58 -8.41 15.03
C ILE A 360 -13.56 -8.90 16.09
N ALA A 361 -13.33 -8.52 17.34
CA ALA A 361 -14.18 -9.01 18.41
C ALA A 361 -14.28 -7.97 19.52
N LEU A 362 -15.50 -7.73 19.97
CA LEU A 362 -15.77 -7.01 21.21
C LEU A 362 -15.97 -8.05 22.31
N VAL A 363 -15.25 -7.90 23.42
CA VAL A 363 -15.24 -8.94 24.44
C VAL A 363 -15.47 -8.35 25.83
N GLY A 364 -16.14 -9.12 26.68
CA GLY A 364 -16.16 -8.90 28.10
C GLY A 364 -15.31 -9.91 28.84
N ALA A 365 -15.42 -9.87 30.17
CA ALA A 365 -14.58 -10.71 31.01
C ALA A 365 -14.80 -12.20 30.71
N GLN A 366 -16.05 -12.63 30.63
CA GLN A 366 -16.36 -14.05 30.48
C GLN A 366 -16.71 -14.46 29.06
N GLU A 367 -17.33 -13.59 28.27
CA GLU A 367 -17.85 -14.00 26.97
C GLU A 367 -17.55 -12.95 25.92
N LYS A 368 -17.47 -13.40 24.66
CA LYS A 368 -17.42 -12.50 23.52
C LYS A 368 -18.78 -11.87 23.30
N ILE A 369 -18.81 -10.56 23.09
CA ILE A 369 -20.07 -9.85 22.86
C ILE A 369 -20.44 -9.84 21.38
N TYR A 370 -19.45 -9.62 20.50
CA TYR A 370 -19.67 -9.59 19.07
C TYR A 370 -18.35 -9.88 18.39
N GLU A 371 -18.41 -10.53 17.23
CA GLU A 371 -17.20 -10.80 16.48
C GLU A 371 -17.52 -10.89 15.00
N LYS A 372 -16.53 -10.56 14.16
CA LYS A 372 -16.68 -10.58 12.71
C LYS A 372 -15.40 -11.10 12.06
N THR A 373 -15.55 -12.09 11.19
CA THR A 373 -14.42 -12.59 10.42
C THR A 373 -13.98 -11.55 9.39
N ILE A 374 -12.69 -11.25 9.37
CA ILE A 374 -12.19 -10.17 8.52
C ILE A 374 -12.31 -10.55 7.04
N THR A 375 -11.79 -11.72 6.66
CA THR A 375 -11.95 -12.21 5.31
C THR A 375 -12.55 -13.62 5.40
N THR A 376 -11.74 -14.66 5.32
CA THR A 376 -12.21 -16.02 5.48
C THR A 376 -11.54 -16.65 6.71
N ASN A 377 -11.98 -17.86 7.04
CA ASN A 377 -11.41 -18.56 8.18
C ASN A 377 -10.12 -19.31 7.84
N THR A 378 -9.76 -19.39 6.56
CA THR A 378 -8.47 -19.93 6.15
C THR A 378 -7.44 -18.83 5.89
N GLN A 379 -7.77 -17.58 6.20
CA GLN A 379 -6.86 -16.47 5.99
C GLN A 379 -5.72 -16.50 7.01
N HIS A 380 -4.48 -16.43 6.52
CA HIS A 380 -3.33 -16.33 7.41
C HIS A 380 -3.14 -14.89 7.87
N ALA A 381 -2.76 -14.72 9.13
CA ALA A 381 -2.51 -13.41 9.71
C ALA A 381 -1.66 -13.58 10.96
N ASP A 382 -1.01 -12.49 11.37
CA ASP A 382 -0.10 -12.56 12.50
C ASP A 382 -0.36 -11.45 13.51
N TYR A 383 0.56 -10.50 13.65
CA TYR A 383 0.38 -9.43 14.64
C TYR A 383 -0.82 -8.56 14.30
N THR A 384 -1.53 -8.10 15.34
CA THR A 384 -2.60 -7.13 15.16
C THR A 384 -2.53 -6.11 16.29
N THR A 385 -2.85 -4.85 15.97
CA THR A 385 -2.92 -3.79 16.96
C THR A 385 -4.12 -2.90 16.65
N THR A 386 -4.93 -2.63 17.67
CA THR A 386 -6.20 -1.92 17.51
C THR A 386 -6.20 -0.65 18.32
N SER A 387 -6.69 0.43 17.71
CA SER A 387 -6.86 1.70 18.40
C SER A 387 -8.25 2.24 18.12
N CYS A 388 -8.91 2.73 19.16
CA CYS A 388 -10.25 3.29 19.03
C CYS A 388 -10.26 4.73 19.52
N PHE A 389 -11.15 5.51 18.93
CA PHE A 389 -11.22 6.93 19.24
C PHE A 389 -12.62 7.43 18.91
N ALA A 390 -12.91 8.62 19.43
CA ALA A 390 -14.17 9.29 19.16
C ALA A 390 -13.96 10.27 18.00
N TYR A 391 -14.76 10.10 16.94
CA TYR A 391 -14.73 11.01 15.81
C TYR A 391 -16.17 11.43 15.53
N LYS A 392 -16.46 12.70 15.76
CA LYS A 392 -17.80 13.25 15.52
C LYS A 392 -18.87 12.44 16.27
N LEU A 393 -18.61 12.23 17.55
CA LEU A 393 -19.54 11.61 18.51
C LEU A 393 -19.82 10.13 18.20
N ARG A 394 -18.95 9.48 17.43
CA ARG A 394 -19.05 8.04 17.19
C ARG A 394 -17.71 7.39 17.54
N VAL A 395 -17.78 6.13 17.95
CA VAL A 395 -16.58 5.35 18.25
C VAL A 395 -16.09 4.70 16.97
N TRP A 396 -14.85 5.01 16.59
CA TRP A 396 -14.20 4.39 15.44
C TRP A 396 -12.97 3.64 15.91
N CYS A 397 -12.71 2.51 15.29
CA CYS A 397 -11.53 1.73 15.59
C CYS A 397 -10.78 1.42 14.30
N VAL A 398 -9.45 1.45 14.39
CA VAL A 398 -8.59 0.97 13.32
C VAL A 398 -7.85 -0.24 13.86
N SER A 399 -7.98 -1.36 13.16
CA SER A 399 -7.30 -2.59 13.53
C SER A 399 -6.26 -2.88 12.44
N ILE A 400 -4.98 -2.69 12.77
CA ILE A 400 -3.91 -2.97 11.83
C ILE A 400 -3.53 -4.43 11.98
N VAL A 401 -3.67 -5.19 10.91
CA VAL A 401 -3.50 -6.64 10.94
C VAL A 401 -2.43 -7.01 9.92
N GLU A 402 -1.42 -7.76 10.37
CA GLU A 402 -0.45 -8.35 9.44
C GLU A 402 -1.17 -9.44 8.67
N MET A 403 -1.56 -9.16 7.44
CA MET A 403 -2.22 -10.15 6.61
C MET A 403 -1.18 -10.89 5.79
N SER A 404 -1.42 -12.18 5.58
CA SER A 404 -0.47 -13.05 4.92
C SER A 404 -1.25 -13.93 3.95
N PRO A 405 -0.78 -14.07 2.69
CA PRO A 405 0.39 -13.43 2.09
C PRO A 405 0.10 -12.01 1.63
N GLY A 406 1.14 -11.16 1.53
CA GLY A 406 1.02 -9.88 0.87
C GLY A 406 1.00 -10.06 -0.63
N VAL A 407 1.01 -8.93 -1.34
CA VAL A 407 0.96 -9.01 -2.79
C VAL A 407 2.30 -9.52 -3.34
N ILE A 408 3.42 -9.07 -2.75
CA ILE A 408 4.73 -9.57 -3.17
C ILE A 408 5.58 -9.92 -1.95
N THR A 409 4.98 -9.94 -0.78
CA THR A 409 5.69 -10.19 0.47
C THR A 409 4.98 -11.27 1.27
N THR A 410 5.67 -11.75 2.31
CA THR A 410 5.09 -12.75 3.20
C THR A 410 3.97 -12.15 4.04
N ARG A 411 4.17 -10.94 4.58
CA ARG A 411 3.17 -10.25 5.36
C ARG A 411 3.04 -8.82 4.85
N GLN A 412 1.91 -8.21 5.17
CA GLN A 412 1.62 -6.82 4.85
C GLN A 412 0.57 -6.32 5.84
N PRO A 413 0.87 -5.28 6.61
CA PRO A 413 -0.14 -4.73 7.53
C PRO A 413 -1.23 -3.99 6.76
N VAL A 414 -2.47 -4.22 7.17
CA VAL A 414 -3.64 -3.58 6.57
C VAL A 414 -4.41 -2.86 7.66
N PRO A 415 -4.70 -1.56 7.51
CA PRO A 415 -5.44 -0.86 8.56
C PRO A 415 -6.95 -0.91 8.33
N PHE A 416 -7.62 -1.87 8.96
CA PHE A 416 -9.07 -1.98 8.84
C PHE A 416 -9.73 -0.94 9.72
N LEU A 417 -10.61 -0.13 9.12
CA LEU A 417 -11.28 0.98 9.78
C LEU A 417 -12.78 0.72 9.79
N TYR A 418 -13.40 0.90 10.96
CA TYR A 418 -14.81 0.56 11.09
C TYR A 418 -15.44 1.35 12.21
N HIS A 419 -16.69 1.74 12.00
CA HIS A 419 -17.53 2.28 13.07
C HIS A 419 -17.88 1.15 14.03
N LEU A 420 -17.67 1.38 15.32
CA LEU A 420 -18.02 0.40 16.35
C LEU A 420 -19.29 0.92 17.01
N ASN A 421 -20.43 0.42 16.54
CA ASN A 421 -21.73 0.99 16.87
C ASN A 421 -22.24 0.34 18.15
N LEU A 422 -21.87 0.93 19.28
CA LEU A 422 -22.20 0.37 20.57
C LEU A 422 -23.54 0.89 21.07
N GLY A 423 -24.28 0.03 21.75
CA GLY A 423 -25.53 0.41 22.36
C GLY A 423 -25.74 -0.35 23.65
N CYS A 424 -26.47 0.27 24.58
CA CYS A 424 -26.83 -0.36 25.84
C CYS A 424 -28.26 -0.89 25.73
N GLN A 425 -28.40 -2.21 25.79
CA GLN A 425 -29.68 -2.87 25.59
C GLN A 425 -30.30 -3.19 26.95
N ASP A 426 -31.53 -2.74 27.15
CA ASP A 426 -32.30 -3.14 28.32
C ASP A 426 -32.89 -4.52 28.02
N THR A 427 -32.39 -5.55 28.71
CA THR A 427 -32.64 -6.93 28.31
C THR A 427 -34.05 -7.41 28.64
N SER A 428 -34.81 -6.67 29.46
CA SER A 428 -36.19 -7.09 29.71
C SER A 428 -37.05 -6.91 28.46
N THR A 429 -36.70 -5.95 27.61
CA THR A 429 -37.51 -5.61 26.44
C THR A 429 -36.72 -5.48 25.14
N GLY A 430 -35.40 -5.31 25.19
CA GLY A 430 -34.62 -5.12 23.99
C GLY A 430 -34.34 -3.68 23.59
N SER A 431 -35.00 -2.70 24.22
CA SER A 431 -34.83 -1.31 23.84
C SER A 431 -33.39 -0.84 24.08
N LEU A 432 -32.92 0.03 23.20
CA LEU A 432 -31.51 0.43 23.15
C LEU A 432 -31.33 1.88 23.60
N THR A 433 -30.14 2.16 24.14
CA THR A 433 -29.71 3.52 24.46
C THR A 433 -28.35 3.76 23.82
N PRO A 434 -28.25 4.66 22.84
CA PRO A 434 -26.98 4.81 22.10
C PRO A 434 -25.90 5.45 22.98
N LEU A 435 -24.67 5.00 22.77
CA LEU A 435 -23.52 5.55 23.49
C LEU A 435 -22.75 6.56 22.64
N THR B 1 15.87 15.39 -11.98
CA THR B 1 15.12 14.57 -12.92
C THR B 1 15.06 15.19 -14.32
N GLY B 2 15.14 14.34 -15.33
CA GLY B 2 15.11 14.76 -16.72
C GLY B 2 14.62 13.63 -17.59
N GLU B 3 14.46 13.92 -18.88
CA GLU B 3 14.00 12.90 -19.81
C GLU B 3 15.16 12.08 -20.33
N VAL B 4 14.86 10.83 -20.69
CA VAL B 4 15.87 9.94 -21.25
C VAL B 4 16.37 10.50 -22.58
N GLY B 5 17.68 10.44 -22.79
CA GLY B 5 18.26 10.84 -24.05
C GLY B 5 18.09 9.76 -25.12
N ILE B 6 16.87 9.64 -25.67
CA ILE B 6 16.60 8.59 -26.63
C ILE B 6 17.39 8.75 -27.92
N GLU B 7 17.86 9.97 -28.22
CA GLU B 7 18.72 10.15 -29.38
C GLU B 7 20.05 9.43 -29.21
N ALA B 8 20.65 9.53 -28.03
CA ALA B 8 21.91 8.84 -27.78
C ALA B 8 21.73 7.33 -27.84
N ILE B 9 20.60 6.83 -27.34
CA ILE B 9 20.34 5.39 -27.39
C ILE B 9 20.17 4.94 -28.84
N SER B 10 19.54 5.78 -29.68
CA SER B 10 19.37 5.43 -31.08
C SER B 10 20.71 5.35 -31.81
N MET B 11 21.67 6.21 -31.43
CA MET B 11 22.99 6.15 -32.06
C MET B 11 23.73 4.84 -31.75
N CYS B 12 23.32 4.11 -30.72
CA CYS B 12 23.90 2.79 -30.44
C CYS B 12 23.25 1.76 -31.36
N THR B 13 23.58 1.89 -32.65
CA THR B 13 23.12 0.93 -33.64
C THR B 13 24.10 0.92 -34.80
N GLY B 14 24.08 -0.17 -35.56
CA GLY B 14 24.87 -0.29 -36.76
C GLY B 14 25.90 -1.40 -36.65
N THR B 15 26.97 -1.26 -37.42
CA THR B 15 27.93 -2.35 -37.59
C THR B 15 28.79 -2.49 -36.34
N ASN B 16 28.80 -3.69 -35.77
CA ASN B 16 29.59 -4.01 -34.58
C ASN B 16 29.21 -3.12 -33.41
N ARG B 17 27.93 -2.75 -33.34
CA ARG B 17 27.36 -2.00 -32.23
C ARG B 17 26.09 -2.73 -31.81
N LYS B 18 25.94 -2.97 -30.51
CA LYS B 18 24.78 -3.68 -30.00
C LYS B 18 24.37 -3.08 -28.66
N LEU B 19 23.13 -2.62 -28.58
CA LEU B 19 22.58 -2.15 -27.31
C LEU B 19 22.38 -3.34 -26.37
N VAL B 20 22.92 -3.23 -25.15
CA VAL B 20 22.88 -4.30 -24.18
C VAL B 20 22.50 -3.73 -22.81
N VAL B 21 22.16 -4.64 -21.91
CA VAL B 21 21.94 -4.31 -20.50
C VAL B 21 23.17 -4.79 -19.74
N ASN B 22 23.91 -3.84 -19.18
CA ASN B 22 25.18 -4.15 -18.52
C ASN B 22 24.95 -5.02 -17.29
N GLN B 23 23.99 -4.65 -16.45
CA GLN B 23 23.77 -5.30 -15.18
C GLN B 23 22.33 -5.80 -15.09
N GLY B 24 22.14 -6.97 -14.50
CA GLY B 24 20.80 -7.46 -14.23
C GLY B 24 19.97 -6.46 -13.48
N ILE B 25 18.67 -6.42 -13.78
CA ILE B 25 17.78 -5.48 -13.09
C ILE B 25 17.67 -5.85 -11.63
N ASN B 26 17.75 -4.84 -10.76
CA ASN B 26 17.56 -5.03 -9.33
C ASN B 26 16.46 -4.09 -8.85
N PHE B 27 15.44 -4.64 -8.21
CA PHE B 27 14.30 -3.86 -7.76
C PHE B 27 14.62 -3.20 -6.43
N VAL B 28 14.37 -1.91 -6.33
CA VAL B 28 14.69 -1.14 -5.14
C VAL B 28 13.55 -1.28 -4.14
N GLU B 29 13.90 -1.38 -2.85
CA GLU B 29 12.93 -1.37 -1.76
C GLU B 29 12.73 0.06 -1.27
N TYR B 30 11.50 0.54 -1.33
CA TYR B 30 11.15 1.88 -0.85
C TYR B 30 9.67 1.90 -0.51
N PRO B 31 9.21 2.88 0.27
CA PRO B 31 7.78 2.95 0.59
C PRO B 31 6.97 3.34 -0.64
N SER B 32 6.08 2.44 -1.07
CA SER B 32 5.35 2.63 -2.31
C SER B 32 4.49 3.88 -2.27
N PHE B 33 4.46 4.62 -3.39
CA PHE B 33 3.59 5.78 -3.53
C PHE B 33 2.18 5.41 -3.97
N ILE B 34 1.90 4.11 -4.17
CA ILE B 34 0.60 3.64 -4.59
C ILE B 34 -0.11 3.10 -3.35
N PRO B 35 -1.18 3.72 -2.90
CA PRO B 35 -1.83 3.26 -1.66
C PRO B 35 -2.53 1.93 -1.87
N GLY B 36 -2.52 1.11 -0.80
CA GLY B 36 -3.29 -0.12 -0.80
C GLY B 36 -4.76 0.11 -0.43
N SER B 37 -5.54 -0.94 -0.59
CA SER B 37 -6.96 -0.89 -0.24
C SER B 37 -7.18 -1.37 1.19
N THR B 38 -8.32 -0.99 1.76
CA THR B 38 -8.62 -1.26 3.15
C THR B 38 -9.89 -2.06 3.37
N LYS B 39 -10.60 -2.44 2.31
CA LYS B 39 -11.87 -3.14 2.44
C LYS B 39 -11.73 -4.53 1.87
N PRO B 40 -11.97 -5.58 2.66
CA PRO B 40 -11.80 -6.95 2.15
C PRO B 40 -12.67 -7.17 0.92
N GLY B 41 -12.10 -7.85 -0.06
CA GLY B 41 -12.77 -8.04 -1.33
C GLY B 41 -12.50 -6.83 -2.19
N GLY B 42 -12.92 -6.91 -3.43
CA GLY B 42 -12.72 -5.79 -4.30
C GLY B 42 -11.42 -5.84 -5.07
N CYS B 43 -11.05 -4.68 -5.61
CA CYS B 43 -10.01 -4.66 -6.63
C CYS B 43 -9.44 -3.25 -6.77
N VAL B 44 -8.13 -3.17 -6.93
CA VAL B 44 -7.44 -1.93 -7.27
C VAL B 44 -6.80 -2.13 -8.63
N ARG B 45 -7.17 -1.27 -9.59
CA ARG B 45 -6.77 -1.54 -10.97
C ARG B 45 -6.77 -0.23 -11.77
N LEU B 46 -6.43 -0.36 -13.05
CA LEU B 46 -6.34 0.70 -14.02
C LEU B 46 -5.40 1.81 -13.57
N PRO B 47 -4.14 1.50 -13.27
CA PRO B 47 -3.21 2.55 -12.87
C PRO B 47 -2.84 3.43 -14.04
N SER B 48 -2.75 4.73 -13.78
CA SER B 48 -2.33 5.71 -14.78
C SER B 48 -1.20 6.53 -14.16
N PHE B 49 -0.09 6.68 -14.89
CA PHE B 49 1.08 7.35 -14.35
C PHE B 49 1.72 8.23 -15.40
N SER B 50 1.98 9.48 -15.02
CA SER B 50 2.58 10.47 -15.91
C SER B 50 3.70 11.18 -15.16
N LEU B 51 4.89 11.19 -15.76
CA LEU B 51 6.02 11.92 -15.20
C LEU B 51 6.25 13.13 -16.10
N GLY B 52 6.05 14.32 -15.54
CA GLY B 52 6.21 15.56 -16.28
C GLY B 52 7.53 16.26 -15.98
N LEU B 53 7.63 17.49 -16.47
CA LEU B 53 8.86 18.26 -16.27
C LEU B 53 9.08 18.62 -14.82
N GLU B 54 8.02 18.78 -14.04
CA GLU B 54 8.11 19.21 -12.65
C GLU B 54 7.53 18.23 -11.65
N VAL B 55 6.46 17.51 -12.03
CA VAL B 55 5.73 16.66 -11.10
C VAL B 55 5.41 15.35 -11.80
N PHE B 56 5.05 14.36 -10.99
CA PHE B 56 4.36 13.19 -11.50
C PHE B 56 2.91 13.25 -11.04
N ALA B 57 2.05 12.57 -11.79
CA ALA B 57 0.66 12.39 -11.43
C ALA B 57 0.35 10.90 -11.48
N TYR B 58 -0.49 10.43 -10.56
CA TYR B 58 -0.85 9.03 -10.49
C TYR B 58 -2.34 8.90 -10.17
N ALA B 59 -2.95 7.83 -10.69
CA ALA B 59 -4.33 7.53 -10.34
C ALA B 59 -4.59 6.04 -10.54
N HIS B 60 -5.53 5.52 -9.76
CA HIS B 60 -6.06 4.17 -10.00
C HIS B 60 -7.50 4.11 -9.50
N ALA B 61 -8.21 3.09 -9.96
CA ALA B 61 -9.60 2.87 -9.58
C ALA B 61 -9.69 1.80 -8.50
N ILE B 62 -10.59 2.03 -7.54
CA ILE B 62 -10.88 1.07 -6.49
C ILE B 62 -12.33 0.65 -6.62
N THR B 63 -12.55 -0.64 -6.90
CA THR B 63 -13.89 -1.19 -7.06
C THR B 63 -14.12 -2.30 -6.04
N GLN B 64 -15.40 -2.54 -5.75
CA GLN B 64 -15.80 -3.61 -4.84
C GLN B 64 -16.35 -4.80 -5.65
N ASP B 65 -15.45 -5.40 -6.43
CA ASP B 65 -15.79 -6.55 -7.25
C ASP B 65 -14.57 -7.43 -7.50
N ASP B 66 -14.56 -8.16 -8.62
CA ASP B 66 -13.43 -8.99 -9.02
C ASP B 66 -12.74 -8.45 -10.27
N CYS B 67 -12.77 -7.12 -10.44
CA CYS B 67 -12.15 -6.38 -11.54
C CYS B 67 -12.85 -6.57 -12.88
N THR B 68 -13.98 -7.26 -12.91
CA THR B 68 -14.69 -7.52 -14.15
C THR B 68 -16.01 -6.79 -14.28
N SER B 69 -16.69 -6.54 -13.16
CA SER B 69 -17.97 -5.84 -13.20
C SER B 69 -17.75 -4.37 -13.57
N SER B 70 -18.88 -3.67 -13.77
CA SER B 70 -18.87 -2.23 -14.02
C SER B 70 -19.47 -1.45 -12.86
N SER B 71 -19.29 -1.95 -11.63
CA SER B 71 -19.73 -1.22 -10.45
C SER B 71 -18.97 0.10 -10.34
N THR B 72 -19.51 1.01 -9.53
CA THR B 72 -19.00 2.38 -9.51
C THR B 72 -17.68 2.44 -8.75
N PRO B 73 -16.59 2.81 -9.40
CA PRO B 73 -15.31 2.86 -8.70
C PRO B 73 -15.14 4.14 -7.90
N ASP B 74 -14.36 4.04 -6.83
CA ASP B 74 -13.69 5.18 -6.24
C ASP B 74 -12.34 5.35 -6.91
N TYR B 75 -11.90 6.58 -7.05
CA TYR B 75 -10.61 6.86 -7.66
C TYR B 75 -9.69 7.52 -6.65
N TYR B 76 -8.41 7.12 -6.71
CA TYR B 76 -7.35 7.79 -5.98
C TYR B 76 -6.51 8.57 -6.98
N PHE B 77 -6.19 9.81 -6.66
CA PHE B 77 -5.51 10.73 -7.56
C PHE B 77 -4.47 11.47 -6.74
N SER B 78 -3.22 11.45 -7.19
CA SER B 78 -2.15 12.08 -6.43
C SER B 78 -1.18 12.78 -7.36
N VAL B 79 -0.51 13.78 -6.81
CA VAL B 79 0.51 14.54 -7.51
C VAL B 79 1.73 14.62 -6.61
N GLY B 80 2.91 14.43 -7.19
CA GLY B 80 4.11 14.46 -6.40
C GLY B 80 5.33 14.89 -7.19
N ARG B 81 6.53 14.65 -6.65
CA ARG B 81 7.76 15.06 -7.31
C ARG B 81 8.85 14.04 -7.03
N ILE B 82 9.83 13.98 -7.94
CA ILE B 82 11.03 13.18 -7.73
C ILE B 82 11.99 14.01 -6.88
N ALA B 83 12.33 13.51 -5.70
CA ALA B 83 13.06 14.30 -4.71
C ALA B 83 14.50 13.83 -4.62
N ASP B 84 15.33 14.70 -4.06
CA ASP B 84 16.75 14.43 -3.82
C ASP B 84 16.96 14.14 -2.35
N HIS B 85 17.24 12.88 -2.01
CA HIS B 85 17.60 12.49 -0.65
C HIS B 85 19.06 12.10 -0.54
N GLY B 86 19.91 12.60 -1.44
CA GLY B 86 21.34 12.41 -1.32
C GLY B 86 21.87 11.06 -1.74
N THR B 87 21.10 10.24 -2.45
CA THR B 87 21.61 8.99 -3.00
C THR B 87 21.24 8.91 -4.47
N ASP B 88 21.63 7.82 -5.11
CA ASP B 88 21.38 7.58 -6.51
C ASP B 88 19.96 7.13 -6.81
N VAL B 89 19.22 6.71 -5.79
CA VAL B 89 17.86 6.20 -5.96
C VAL B 89 16.87 7.35 -6.00
N PRO B 90 16.08 7.49 -7.07
CA PRO B 90 15.06 8.54 -7.10
C PRO B 90 14.03 8.31 -6.01
N VAL B 91 13.49 9.41 -5.48
CA VAL B 91 12.55 9.37 -4.37
C VAL B 91 11.23 9.96 -4.84
N PHE B 92 10.15 9.19 -4.72
CA PHE B 92 8.82 9.63 -5.11
C PHE B 92 8.13 10.24 -3.89
N GLU B 93 8.01 11.56 -3.88
CA GLU B 93 7.42 12.30 -2.77
C GLU B 93 6.02 12.74 -3.19
N THR B 94 5.01 12.19 -2.52
CA THR B 94 3.63 12.62 -2.80
C THR B 94 3.36 13.94 -2.11
N LEU B 95 2.83 14.90 -2.86
CA LEU B 95 2.59 16.24 -2.34
C LEU B 95 1.13 16.59 -2.16
N ALA B 96 0.23 16.04 -2.99
CA ALA B 96 -1.19 16.30 -2.86
C ALA B 96 -1.95 15.04 -3.27
N GLU B 97 -3.02 14.74 -2.54
CA GLU B 97 -3.80 13.54 -2.77
C GLU B 97 -5.28 13.90 -2.81
N TRP B 98 -6.04 13.11 -3.54
CA TRP B 98 -7.46 13.35 -3.74
C TRP B 98 -8.14 12.00 -3.83
N PHE B 99 -9.01 11.70 -2.88
CA PHE B 99 -9.82 10.48 -2.90
C PHE B 99 -11.18 10.86 -3.51
N LEU B 100 -11.39 10.51 -4.78
CA LEU B 100 -12.63 10.82 -5.49
C LEU B 100 -13.63 9.70 -5.26
N ASP B 101 -14.34 9.78 -4.13
CA ASP B 101 -15.34 8.79 -3.75
C ASP B 101 -16.77 9.32 -3.86
N ASP B 102 -17.04 10.16 -4.86
CA ASP B 102 -18.33 10.82 -4.99
C ASP B 102 -19.37 9.99 -5.74
N LYS B 103 -19.06 8.74 -6.10
CA LYS B 103 -19.99 7.83 -6.76
C LYS B 103 -20.51 8.38 -8.09
N MET B 104 -19.78 9.28 -8.73
CA MET B 104 -20.19 9.84 -10.01
C MET B 104 -20.08 8.83 -11.16
N ASN B 105 -19.44 7.69 -10.92
CA ASN B 105 -19.18 6.67 -11.94
C ASN B 105 -18.17 7.20 -12.98
N ARG B 106 -17.03 7.70 -12.49
CA ARG B 106 -15.92 8.01 -13.36
C ARG B 106 -15.25 6.72 -13.83
N ARG B 107 -15.03 6.61 -15.13
CA ARG B 107 -14.50 5.39 -15.72
C ARG B 107 -13.29 5.68 -16.59
N SER B 108 -12.37 4.72 -16.62
CA SER B 108 -11.33 4.68 -17.65
C SER B 108 -10.45 5.93 -17.62
N CYS B 109 -10.07 6.37 -16.43
CA CYS B 109 -9.41 7.65 -16.27
C CYS B 109 -7.95 7.60 -16.69
N SER B 110 -7.45 8.72 -17.22
CA SER B 110 -6.04 8.94 -17.49
C SER B 110 -5.55 10.18 -16.74
N VAL B 111 -4.26 10.21 -16.41
CA VAL B 111 -3.64 11.40 -15.84
C VAL B 111 -2.65 11.98 -16.83
N THR B 112 -2.37 13.27 -16.67
CA THR B 112 -1.32 13.97 -17.41
C THR B 112 -0.68 14.99 -16.47
N ALA B 113 0.63 14.87 -16.27
CA ALA B 113 1.37 15.85 -15.49
C ALA B 113 1.55 17.12 -16.33
N ALA B 114 1.17 18.27 -15.76
CA ALA B 114 1.21 19.54 -16.48
C ALA B 114 1.66 20.63 -15.52
N GLY B 115 2.87 21.15 -15.70
CA GLY B 115 3.34 22.20 -14.81
C GLY B 115 3.49 21.70 -13.39
N LYS B 116 2.93 22.45 -12.45
CA LYS B 116 2.97 22.12 -11.03
C LYS B 116 1.80 21.25 -10.59
N GLY B 117 1.13 20.57 -11.52
CA GLY B 117 -0.01 19.76 -11.16
C GLY B 117 -0.30 18.69 -12.20
N GLY B 118 -1.47 18.09 -12.08
CA GLY B 118 -1.87 17.02 -12.97
C GLY B 118 -3.33 17.14 -13.33
N TRP B 119 -3.66 16.65 -14.53
CA TRP B 119 -5.03 16.58 -15.01
C TRP B 119 -5.49 15.13 -15.00
N LEU B 120 -6.72 14.92 -14.52
CA LEU B 120 -7.37 13.62 -14.52
C LEU B 120 -8.58 13.69 -15.44
N GLY B 121 -8.57 12.92 -16.52
CA GLY B 121 -9.67 12.87 -17.46
C GLY B 121 -10.43 11.55 -17.32
N CYS B 122 -11.76 11.67 -17.16
CA CYS B 122 -12.59 10.50 -16.91
C CYS B 122 -13.85 10.57 -17.75
N SER B 123 -14.43 9.40 -18.00
CA SER B 123 -15.73 9.27 -18.64
C SER B 123 -16.79 9.00 -17.59
N ILE B 124 -17.90 9.73 -17.66
CA ILE B 124 -19.04 9.54 -16.77
C ILE B 124 -20.05 8.66 -17.50
N LEU B 125 -20.26 7.45 -16.99
CA LEU B 125 -21.17 6.50 -17.60
C LEU B 125 -22.40 6.32 -16.72
N VAL B 126 -23.57 6.25 -17.35
CA VAL B 126 -24.82 6.01 -16.63
C VAL B 126 -25.15 4.53 -16.68
N GLY B 127 -24.83 3.88 -17.80
CA GLY B 127 -25.07 2.46 -17.96
C GLY B 127 -23.81 1.68 -18.30
N SER B 128 -23.96 0.60 -19.06
CA SER B 128 -22.82 -0.17 -19.52
C SER B 128 -22.16 0.52 -20.70
N PHE B 129 -20.89 0.16 -20.95
CA PHE B 129 -20.17 0.78 -22.05
C PHE B 129 -20.73 0.36 -23.40
N THR B 130 -21.29 -0.85 -23.51
CA THR B 130 -21.96 -1.26 -24.73
C THR B 130 -23.21 -0.43 -24.97
N ASP B 131 -23.96 -0.17 -23.90
CA ASP B 131 -25.12 0.72 -24.02
C ASP B 131 -24.70 2.12 -24.43
N GLU B 132 -23.56 2.59 -23.92
CA GLU B 132 -23.07 3.89 -24.32
C GLU B 132 -22.65 3.90 -25.78
N LEU B 133 -22.04 2.81 -26.25
CA LEU B 133 -21.61 2.73 -27.64
C LEU B 133 -22.79 2.74 -28.60
N THR B 134 -23.89 2.08 -28.23
CA THR B 134 -25.05 2.03 -29.12
C THR B 134 -25.81 3.35 -29.14
N SER B 135 -26.05 3.94 -27.96
CA SER B 135 -26.82 5.16 -27.88
C SER B 135 -26.11 6.28 -28.64
N PRO B 136 -26.79 7.01 -29.53
CA PRO B 136 -26.11 8.05 -30.32
C PRO B 136 -25.65 9.24 -29.49
N GLU B 137 -26.24 9.45 -28.31
CA GLU B 137 -25.83 10.54 -27.44
C GLU B 137 -24.51 10.17 -26.76
N VAL B 138 -23.52 11.05 -26.87
CA VAL B 138 -22.24 10.78 -26.24
C VAL B 138 -22.33 10.99 -24.73
N ASN B 139 -21.59 10.17 -23.98
CA ASN B 139 -21.52 10.30 -22.53
C ASN B 139 -20.88 11.62 -22.12
N ARG B 140 -21.11 12.00 -20.88
CA ARG B 140 -20.40 13.14 -20.31
C ARG B 140 -18.98 12.73 -19.92
N ILE B 141 -18.09 13.73 -19.83
CA ILE B 141 -16.74 13.51 -19.35
C ILE B 141 -16.42 14.54 -18.27
N SER B 142 -15.44 14.20 -17.43
CA SER B 142 -14.96 15.10 -16.40
C SER B 142 -13.47 15.36 -16.58
N LEU B 143 -13.05 16.55 -16.20
CA LEU B 143 -11.64 16.94 -16.14
C LEU B 143 -11.37 17.49 -14.76
N SER B 144 -10.43 16.90 -14.04
CA SER B 144 -10.09 17.34 -12.70
C SER B 144 -8.63 17.75 -12.68
N TYR B 145 -8.36 18.87 -12.01
CA TYR B 145 -7.01 19.40 -11.85
C TYR B 145 -6.65 19.45 -10.38
N MET B 146 -5.40 19.11 -10.09
CA MET B 146 -4.87 19.24 -8.73
C MET B 146 -3.40 19.59 -8.83
N ASP B 147 -2.95 20.58 -8.07
CA ASP B 147 -1.53 20.92 -8.05
C ASP B 147 -0.93 20.56 -6.68
N THR B 148 0.38 20.80 -6.57
CA THR B 148 1.10 20.42 -5.35
C THR B 148 0.73 21.27 -4.15
N PHE B 149 0.06 22.40 -4.35
CA PHE B 149 -0.43 23.23 -3.25
C PHE B 149 -1.79 22.79 -2.74
N GLY B 150 -2.41 21.79 -3.36
CA GLY B 150 -3.74 21.35 -2.98
C GLY B 150 -4.88 22.09 -3.65
N LYS B 151 -4.59 23.04 -4.54
CA LYS B 151 -5.64 23.63 -5.35
C LYS B 151 -6.29 22.56 -6.24
N LYS B 152 -7.62 22.57 -6.29
CA LYS B 152 -8.38 21.56 -7.01
C LYS B 152 -9.45 22.20 -7.88
N LYS B 153 -9.64 21.64 -9.07
CA LYS B 153 -10.75 21.99 -9.95
C LYS B 153 -11.41 20.71 -10.44
N ASP B 154 -12.71 20.79 -10.70
CA ASP B 154 -13.48 19.63 -11.18
C ASP B 154 -14.51 20.15 -12.17
N TRP B 155 -14.33 19.81 -13.45
CA TRP B 155 -15.18 20.30 -14.52
C TRP B 155 -15.93 19.14 -15.18
N LEU B 156 -17.22 19.35 -15.45
CA LEU B 156 -18.06 18.38 -16.14
C LEU B 156 -18.47 18.90 -17.51
N TYR B 157 -18.43 18.03 -18.51
CA TYR B 157 -18.74 18.40 -19.89
C TYR B 157 -19.81 17.49 -20.45
N THR B 158 -20.80 18.08 -21.12
CA THR B 158 -21.65 17.33 -22.04
C THR B 158 -21.03 17.35 -23.42
N GLY B 159 -21.54 16.49 -24.30
CA GLY B 159 -21.01 16.42 -25.65
C GLY B 159 -21.15 17.73 -26.42
N SER B 160 -22.20 18.50 -26.14
CA SER B 160 -22.38 19.77 -26.83
C SER B 160 -21.30 20.78 -26.52
N GLU B 161 -20.47 20.56 -25.49
CA GLU B 161 -19.37 21.47 -25.20
C GLU B 161 -18.06 21.05 -25.85
N VAL B 162 -17.98 19.85 -26.40
CA VAL B 162 -16.74 19.35 -26.98
C VAL B 162 -16.77 19.59 -28.48
N ARG B 163 -15.78 20.33 -28.97
CA ARG B 163 -15.64 20.59 -30.40
C ARG B 163 -14.94 19.40 -31.04
N ALA B 164 -15.73 18.51 -31.66
CA ALA B 164 -15.21 17.29 -32.25
C ALA B 164 -15.38 17.33 -33.77
N ASP B 165 -14.43 16.70 -34.47
CA ASP B 165 -14.49 16.61 -35.93
C ASP B 165 -15.48 15.56 -36.40
N GLN B 166 -15.98 14.72 -35.50
CA GLN B 166 -16.89 13.64 -35.84
C GLN B 166 -17.91 13.51 -34.71
N SER B 167 -18.99 12.80 -35.00
CA SER B 167 -20.02 12.53 -34.00
C SER B 167 -19.73 11.19 -33.36
N TRP B 168 -19.25 11.22 -32.12
CA TRP B 168 -18.96 10.00 -31.38
C TRP B 168 -20.19 9.56 -30.59
N SER B 169 -20.44 8.25 -30.58
CA SER B 169 -21.49 7.71 -29.73
C SER B 169 -21.03 7.58 -28.29
N ALA B 170 -19.73 7.38 -28.07
CA ALA B 170 -19.16 7.22 -26.75
C ALA B 170 -17.71 7.68 -26.78
N LEU B 171 -17.26 8.24 -25.66
CA LEU B 171 -15.91 8.79 -25.55
C LEU B 171 -15.29 8.31 -24.24
N PHE B 172 -14.26 7.49 -24.33
CA PHE B 172 -13.57 6.95 -23.17
C PHE B 172 -12.13 7.42 -23.17
N PHE B 173 -11.61 7.76 -22.00
CA PHE B 173 -10.19 8.05 -21.91
C PHE B 173 -9.41 6.73 -21.96
N SER B 174 -8.11 6.85 -22.23
CA SER B 174 -7.31 5.70 -22.66
C SER B 174 -6.63 4.95 -21.54
N VAL B 175 -6.84 5.35 -20.27
CA VAL B 175 -6.20 4.77 -19.10
C VAL B 175 -4.73 5.15 -19.02
N GLY B 176 -3.96 4.86 -20.06
CA GLY B 176 -2.59 5.34 -20.10
C GLY B 176 -2.52 6.86 -20.13
N SER B 177 -1.37 7.37 -19.71
CA SER B 177 -1.24 8.81 -19.51
C SER B 177 -1.30 9.56 -20.84
N GLY B 178 -1.66 10.85 -20.75
CA GLY B 178 -1.47 11.79 -21.83
C GLY B 178 -0.17 12.57 -21.65
N VAL B 179 -0.04 13.65 -22.42
CA VAL B 179 1.15 14.49 -22.37
C VAL B 179 0.75 15.96 -22.52
N VAL B 180 1.63 16.83 -22.05
CA VAL B 180 1.53 18.26 -22.30
C VAL B 180 2.65 18.65 -23.26
N ILE B 181 2.31 19.41 -24.29
CA ILE B 181 3.29 19.93 -25.23
C ILE B 181 3.11 21.44 -25.26
N GLY B 182 4.10 22.16 -24.76
CA GLY B 182 3.99 23.59 -24.64
C GLY B 182 2.90 23.96 -23.65
N ASP B 183 1.83 24.58 -24.14
CA ASP B 183 0.73 25.04 -23.32
C ASP B 183 -0.54 24.20 -23.49
N THR B 184 -0.46 23.08 -24.21
CA THR B 184 -1.63 22.28 -24.54
C THR B 184 -1.51 20.90 -23.92
N VAL B 185 -2.60 20.44 -23.32
CA VAL B 185 -2.69 19.10 -22.75
C VAL B 185 -3.31 18.18 -23.79
N TYR B 186 -2.71 17.00 -23.98
CA TYR B 186 -3.19 16.03 -24.95
C TYR B 186 -3.53 14.73 -24.25
N PHE B 187 -4.73 14.22 -24.50
CA PHE B 187 -5.15 12.91 -24.03
C PHE B 187 -5.47 12.03 -25.23
N LEU B 188 -5.10 10.75 -25.14
CA LEU B 188 -5.61 9.76 -26.07
C LEU B 188 -6.97 9.30 -25.60
N VAL B 189 -7.93 9.23 -26.51
CA VAL B 189 -9.28 8.75 -26.21
C VAL B 189 -9.66 7.71 -27.25
N TRP B 190 -10.68 6.91 -26.92
CA TRP B 190 -11.24 5.96 -27.87
C TRP B 190 -12.75 5.88 -27.66
N GLY B 191 -13.43 5.38 -28.67
CA GLY B 191 -14.89 5.27 -28.59
C GLY B 191 -15.47 4.85 -29.92
N GLY B 192 -16.77 5.09 -30.08
CA GLY B 192 -17.51 4.68 -31.25
C GLY B 192 -18.01 5.86 -32.05
N LEU B 193 -18.08 5.69 -33.36
CA LEU B 193 -18.60 6.72 -34.25
C LEU B 193 -20.06 6.45 -34.57
N ASN B 194 -20.87 7.52 -34.57
CA ASN B 194 -22.25 7.37 -35.01
C ASN B 194 -22.33 7.06 -36.50
N HIS B 195 -21.53 7.74 -37.30
CA HIS B 195 -21.51 7.53 -38.76
C HIS B 195 -20.12 7.10 -39.19
N PRO B 196 -19.96 5.87 -39.68
CA PRO B 196 -18.61 5.35 -39.95
C PRO B 196 -17.89 6.12 -41.03
N ILE B 197 -16.57 6.19 -40.89
CA ILE B 197 -15.70 6.73 -41.94
C ILE B 197 -15.54 5.67 -43.02
N ASN B 198 -15.89 6.04 -44.26
CA ASN B 198 -15.98 5.06 -45.35
C ASN B 198 -14.60 4.86 -45.98
N VAL B 199 -13.76 4.12 -45.26
CA VAL B 199 -12.43 3.73 -45.73
C VAL B 199 -12.16 2.31 -45.26
N ASP B 200 -11.22 1.65 -45.94
CA ASP B 200 -10.81 0.31 -45.54
C ASP B 200 -9.91 0.41 -44.30
N ALA B 201 -10.09 -0.54 -43.39
CA ALA B 201 -9.24 -0.62 -42.21
C ALA B 201 -7.78 -0.77 -42.61
N MET B 202 -6.88 -0.48 -41.67
CA MET B 202 -5.46 -0.41 -41.99
C MET B 202 -4.94 -1.75 -42.50
N CYS B 203 -5.21 -2.84 -41.78
CA CYS B 203 -4.80 -4.18 -42.19
C CYS B 203 -3.27 -4.26 -42.34
N ARG B 204 -2.57 -3.84 -41.29
CA ARG B 204 -1.13 -3.95 -41.21
C ARG B 204 -0.82 -5.20 -40.39
N ALA B 205 -0.37 -6.26 -41.05
CA ALA B 205 -0.26 -7.59 -40.43
C ALA B 205 1.12 -8.19 -40.71
N PRO B 206 2.13 -7.79 -39.96
CA PRO B 206 3.46 -8.41 -40.12
C PRO B 206 3.42 -9.90 -39.82
N GLY B 207 3.96 -10.68 -40.76
CA GLY B 207 3.98 -12.13 -40.65
C GLY B 207 2.77 -12.85 -41.20
N CYS B 208 1.83 -12.13 -41.81
CA CYS B 208 0.69 -12.74 -42.49
C CYS B 208 0.86 -12.49 -43.97
N GLN B 209 0.92 -13.56 -44.77
CA GLN B 209 1.17 -13.40 -46.20
C GLN B 209 0.02 -12.69 -46.91
N SER B 210 -1.21 -13.10 -46.63
CA SER B 210 -2.38 -12.50 -47.28
C SER B 210 -3.40 -12.17 -46.20
N PRO B 211 -3.32 -10.97 -45.63
CA PRO B 211 -4.34 -10.54 -44.68
C PRO B 211 -5.63 -10.21 -45.41
N THR B 212 -6.73 -10.80 -44.94
CA THR B 212 -8.03 -10.60 -45.57
C THR B 212 -8.56 -9.23 -45.16
N GLN B 213 -8.64 -8.31 -46.13
CA GLN B 213 -9.08 -6.95 -45.85
C GLN B 213 -10.47 -6.92 -45.23
N SER B 214 -11.35 -7.83 -45.65
CA SER B 214 -12.71 -7.84 -45.10
C SER B 214 -12.67 -8.15 -43.60
N LEU B 215 -11.83 -9.10 -43.19
CA LEU B 215 -11.71 -9.41 -41.77
C LEU B 215 -11.14 -8.22 -41.00
N CYS B 216 -10.21 -7.49 -41.62
CA CYS B 216 -9.69 -6.27 -41.00
C CYS B 216 -10.80 -5.23 -40.80
N ASN B 217 -11.72 -5.13 -41.76
CA ASN B 217 -12.80 -4.15 -41.65
C ASN B 217 -13.80 -4.55 -40.57
N TYR B 218 -14.10 -5.84 -40.47
CA TYR B 218 -15.04 -6.29 -39.44
C TYR B 218 -14.46 -6.17 -38.05
N ALA B 219 -13.13 -6.26 -37.92
CA ALA B 219 -12.51 -6.27 -36.60
C ALA B 219 -12.72 -4.96 -35.86
N ILE B 220 -12.81 -3.84 -36.58
CA ILE B 220 -13.02 -2.55 -35.95
C ILE B 220 -14.48 -2.22 -35.77
N LYS B 221 -15.39 -3.12 -36.12
CA LYS B 221 -16.84 -2.94 -35.93
C LYS B 221 -17.41 -4.11 -35.16
N PRO B 222 -16.95 -4.37 -33.93
CA PRO B 222 -17.44 -5.55 -33.20
C PRO B 222 -18.95 -5.52 -33.07
N GLN B 223 -19.59 -6.63 -33.46
CA GLN B 223 -21.05 -6.67 -33.46
C GLN B 223 -21.60 -6.71 -32.05
N GLU B 224 -20.91 -7.38 -31.12
CA GLU B 224 -21.33 -7.43 -29.74
C GLU B 224 -21.46 -6.06 -29.10
N TRP B 225 -20.89 -5.02 -29.72
CA TRP B 225 -20.91 -3.66 -29.19
C TRP B 225 -21.84 -2.75 -29.98
N GLY B 226 -22.61 -3.28 -30.92
CA GLY B 226 -23.51 -2.48 -31.72
C GLY B 226 -23.05 -2.22 -33.14
N GLY B 227 -21.89 -2.73 -33.54
CA GLY B 227 -21.47 -2.66 -34.93
C GLY B 227 -20.98 -1.31 -35.39
N ASN B 228 -20.76 -0.36 -34.49
CA ASN B 228 -20.18 0.91 -34.86
C ASN B 228 -18.66 0.78 -35.00
N GLN B 229 -18.09 1.68 -35.79
CA GLN B 229 -16.64 1.76 -35.93
C GLN B 229 -16.02 2.23 -34.61
N ILE B 230 -15.10 1.41 -34.07
CA ILE B 230 -14.39 1.76 -32.85
C ILE B 230 -13.07 2.43 -33.24
N VAL B 231 -12.88 3.68 -32.80
CA VAL B 231 -11.77 4.49 -33.26
C VAL B 231 -11.00 5.04 -32.06
N ASN B 232 -9.80 5.52 -32.33
CA ASN B 232 -9.04 6.32 -31.39
C ASN B 232 -9.13 7.78 -31.78
N GLY B 233 -8.87 8.64 -30.81
CA GLY B 233 -8.82 10.06 -31.06
C GLY B 233 -7.88 10.75 -30.11
N ILE B 234 -7.70 12.05 -30.33
CA ILE B 234 -6.89 12.89 -29.46
C ILE B 234 -7.79 13.99 -28.93
N LEU B 235 -7.90 14.07 -27.61
CA LEU B 235 -8.57 15.17 -26.95
C LEU B 235 -7.50 16.12 -26.43
N HIS B 236 -7.64 17.40 -26.75
CA HIS B 236 -6.66 18.38 -26.32
C HIS B 236 -7.36 19.65 -25.88
N PHE B 237 -6.65 20.44 -25.07
CA PHE B 237 -7.16 21.71 -24.57
C PHE B 237 -5.97 22.52 -24.07
N LYS B 238 -6.10 23.84 -24.16
CA LYS B 238 -5.09 24.72 -23.60
C LYS B 238 -5.15 24.64 -22.08
N HIS B 239 -3.98 24.49 -21.47
CA HIS B 239 -3.88 24.33 -20.02
C HIS B 239 -4.40 25.59 -19.33
N ASP B 240 -5.41 25.42 -18.47
CA ASP B 240 -6.06 26.53 -17.80
C ASP B 240 -6.50 26.08 -16.42
N THR B 241 -5.89 26.65 -15.37
CA THR B 241 -6.22 26.30 -14.00
C THR B 241 -7.23 27.24 -13.36
N ASN B 242 -7.81 28.15 -14.15
CA ASN B 242 -8.80 29.09 -13.63
C ASN B 242 -10.15 28.94 -14.33
N GLU B 243 -10.16 28.99 -15.66
CA GLU B 243 -11.39 28.88 -16.42
C GLU B 243 -11.61 27.43 -16.86
N LYS B 244 -12.85 27.12 -17.22
CA LYS B 244 -13.17 25.80 -17.74
C LYS B 244 -12.46 25.59 -19.07
N PRO B 245 -11.56 24.61 -19.18
CA PRO B 245 -10.82 24.43 -20.43
C PRO B 245 -11.74 24.15 -21.60
N THR B 246 -11.28 24.56 -22.80
CA THR B 246 -12.02 24.37 -24.03
C THR B 246 -11.50 23.12 -24.75
N LEU B 247 -12.36 22.13 -24.92
CA LEU B 247 -11.94 20.81 -25.39
C LEU B 247 -12.11 20.66 -26.89
N HIS B 248 -11.16 19.98 -27.52
CA HIS B 248 -11.18 19.64 -28.94
C HIS B 248 -10.88 18.15 -29.09
N VAL B 249 -11.62 17.47 -29.96
CA VAL B 249 -11.37 16.07 -30.27
C VAL B 249 -11.07 15.92 -31.76
N ARG B 250 -9.98 15.22 -32.08
CA ARG B 250 -9.65 14.80 -33.43
C ARG B 250 -9.70 13.29 -33.51
N THR B 251 -10.22 12.77 -34.62
CA THR B 251 -10.35 11.33 -34.82
C THR B 251 -9.20 10.82 -35.67
N LEU B 252 -8.66 9.65 -35.30
CA LEU B 252 -7.66 8.97 -36.11
C LEU B 252 -8.39 8.05 -37.08
N SER B 253 -8.18 8.27 -38.37
CA SER B 253 -8.95 7.55 -39.37
C SER B 253 -8.69 6.05 -39.26
N PRO B 254 -9.71 5.21 -39.46
CA PRO B 254 -9.50 3.75 -39.33
C PRO B 254 -8.55 3.16 -40.36
N ASP B 255 -8.20 3.92 -41.41
CA ASP B 255 -7.19 3.44 -42.36
C ASP B 255 -5.77 3.63 -41.85
N ASN B 256 -5.59 4.26 -40.69
CA ASN B 256 -4.28 4.51 -40.11
C ASN B 256 -4.22 3.96 -38.68
N ASN B 257 -5.01 2.94 -38.38
CA ASN B 257 -5.12 2.43 -37.03
C ASN B 257 -5.75 1.05 -37.06
N TRP B 258 -5.52 0.29 -35.98
CA TRP B 258 -6.32 -0.90 -35.73
C TRP B 258 -7.59 -0.47 -35.01
N MET B 259 -8.29 -1.40 -34.36
CA MET B 259 -9.47 -1.03 -33.60
C MET B 259 -9.08 -0.06 -32.49
N GLY B 260 -9.89 0.99 -32.32
CA GLY B 260 -9.71 1.93 -31.23
C GLY B 260 -9.60 1.22 -29.89
N ALA B 261 -8.68 1.66 -29.05
CA ALA B 261 -8.43 0.96 -27.79
C ALA B 261 -7.74 1.89 -26.81
N GLU B 262 -7.70 1.45 -25.55
CA GLU B 262 -6.86 2.05 -24.53
C GLU B 262 -5.43 2.20 -25.04
N GLY B 263 -4.72 3.17 -24.48
CA GLY B 263 -3.36 3.41 -24.91
C GLY B 263 -2.75 4.56 -24.16
N ARG B 264 -1.71 5.15 -24.75
CA ARG B 264 -0.90 6.13 -24.04
C ARG B 264 -0.17 7.01 -25.03
N LEU B 265 0.08 8.26 -24.61
CA LEU B 265 0.93 9.20 -25.35
C LEU B 265 2.23 9.43 -24.60
N PHE B 266 3.31 9.62 -25.36
CA PHE B 266 4.62 9.97 -24.83
C PHE B 266 5.14 11.18 -25.59
N HIS B 267 5.94 11.99 -24.92
CA HIS B 267 6.53 13.15 -25.59
C HIS B 267 7.91 13.44 -25.03
N PHE B 268 8.84 13.74 -25.94
CA PHE B 268 10.21 14.08 -25.59
C PHE B 268 10.52 15.47 -26.12
N HIS B 269 10.79 16.40 -25.22
CA HIS B 269 10.92 17.80 -25.61
C HIS B 269 12.20 18.07 -26.39
N ASN B 270 13.27 17.32 -26.10
CA ASN B 270 14.54 17.57 -26.78
C ASN B 270 14.44 17.25 -28.27
N SER B 271 13.97 16.05 -28.60
CA SER B 271 13.80 15.67 -30.00
C SER B 271 12.48 16.17 -30.59
N GLY B 272 11.53 16.61 -29.77
CA GLY B 272 10.23 17.02 -30.26
C GLY B 272 9.31 15.89 -30.69
N LYS B 273 9.70 14.64 -30.49
CA LYS B 273 8.92 13.51 -30.95
C LYS B 273 7.77 13.19 -30.00
N THR B 274 6.61 12.89 -30.57
CA THR B 274 5.45 12.40 -29.83
C THR B 274 5.19 10.96 -30.27
N PHE B 275 5.05 10.06 -29.31
CA PHE B 275 4.83 8.65 -29.57
C PHE B 275 3.46 8.22 -29.07
N ILE B 276 2.97 7.11 -29.61
CA ILE B 276 1.67 6.59 -29.23
C ILE B 276 1.79 5.07 -29.04
N TYR B 277 1.16 4.56 -27.99
CA TYR B 277 0.93 3.15 -27.79
C TYR B 277 -0.57 2.93 -27.67
N THR B 278 -1.06 1.81 -28.24
CA THR B 278 -2.42 1.36 -27.98
C THR B 278 -2.42 -0.13 -27.68
N ARG B 279 -3.36 -0.54 -26.82
CA ARG B 279 -3.56 -1.93 -26.47
C ARG B 279 -3.89 -2.74 -27.72
N SER B 280 -3.33 -3.96 -27.80
CA SER B 280 -3.57 -4.86 -28.93
C SER B 280 -4.81 -5.71 -28.61
N SER B 281 -5.98 -5.13 -28.86
CA SER B 281 -7.23 -5.76 -28.46
C SER B 281 -7.77 -6.78 -29.45
N THR B 282 -7.28 -6.79 -30.68
CA THR B 282 -7.87 -7.67 -31.69
C THR B 282 -6.88 -8.71 -32.21
N TRP B 283 -6.96 -8.99 -33.52
CA TRP B 283 -6.13 -10.02 -34.13
C TRP B 283 -4.66 -9.62 -34.15
N HIS B 284 -4.36 -8.33 -34.27
CA HIS B 284 -2.99 -7.86 -34.34
C HIS B 284 -2.41 -7.87 -32.92
N THR B 285 -1.71 -8.94 -32.57
CA THR B 285 -1.22 -9.13 -31.21
C THR B 285 0.18 -8.58 -30.99
N LEU B 286 0.84 -8.08 -32.03
CA LEU B 286 2.14 -7.45 -31.86
C LEU B 286 1.95 -6.03 -31.31
N PRO B 287 2.99 -5.46 -30.70
CA PRO B 287 2.86 -4.11 -30.16
C PRO B 287 2.37 -3.12 -31.20
N GLN B 288 1.47 -2.24 -30.79
CA GLN B 288 0.95 -1.18 -31.64
C GLN B 288 1.59 0.12 -31.13
N VAL B 289 2.69 0.50 -31.76
CA VAL B 289 3.53 1.60 -31.32
C VAL B 289 3.93 2.41 -32.55
N GLY B 290 3.98 3.73 -32.40
CA GLY B 290 4.28 4.55 -33.55
C GLY B 290 4.63 5.96 -33.16
N ILE B 291 5.00 6.75 -34.17
CA ILE B 291 5.29 8.17 -34.02
C ILE B 291 4.04 8.94 -34.43
N LEU B 292 3.52 9.77 -33.52
CA LEU B 292 2.27 10.47 -33.74
C LEU B 292 2.55 11.86 -34.28
N THR B 293 1.85 12.24 -35.34
CA THR B 293 1.88 13.61 -35.85
C THR B 293 0.57 14.28 -35.48
N LEU B 294 0.66 15.34 -34.69
CA LEU B 294 -0.51 16.05 -34.17
C LEU B 294 -0.99 17.13 -35.13
N GLY B 295 -1.24 16.73 -36.38
CA GLY B 295 -1.72 17.64 -37.40
C GLY B 295 -3.21 17.49 -37.63
N TRP B 296 -3.68 18.18 -38.67
CA TRP B 296 -5.07 18.09 -39.10
C TRP B 296 -5.11 17.52 -40.51
N PRO B 297 -5.42 16.23 -40.66
CA PRO B 297 -5.84 15.28 -39.63
C PRO B 297 -4.67 14.61 -38.93
N LEU B 298 -4.96 13.78 -37.94
CA LEU B 298 -3.92 13.03 -37.24
C LEU B 298 -3.39 11.92 -38.14
N SER B 299 -2.11 11.62 -37.99
CA SER B 299 -1.49 10.50 -38.68
C SER B 299 -0.46 9.85 -37.77
N VAL B 300 -0.37 8.53 -37.84
CA VAL B 300 0.60 7.76 -37.08
C VAL B 300 1.51 7.01 -38.04
N GLN B 301 2.81 7.15 -37.84
CA GLN B 301 3.81 6.31 -38.51
C GLN B 301 4.08 5.12 -37.60
N TRP B 302 3.43 4.00 -37.89
CA TRP B 302 3.58 2.83 -37.05
C TRP B 302 4.92 2.15 -37.25
N VAL B 303 5.37 1.45 -36.21
CA VAL B 303 6.67 0.79 -36.18
C VAL B 303 6.45 -0.69 -35.91
N ASP B 304 7.04 -1.54 -36.74
CA ASP B 304 6.86 -2.97 -36.60
C ASP B 304 7.76 -3.53 -35.51
N ILE B 305 7.17 -4.12 -34.49
CA ILE B 305 7.88 -4.81 -33.42
C ILE B 305 7.37 -6.25 -33.38
N THR B 306 8.30 -7.20 -33.47
CA THR B 306 7.94 -8.61 -33.48
C THR B 306 8.51 -9.40 -32.31
N SER B 307 9.23 -8.73 -31.40
CA SER B 307 9.94 -9.45 -30.35
C SER B 307 9.02 -9.95 -29.25
N ILE B 308 7.91 -9.26 -29.00
CA ILE B 308 7.02 -9.60 -27.90
C ILE B 308 5.58 -9.51 -28.37
N SER B 309 4.69 -10.07 -27.55
CA SER B 309 3.25 -9.96 -27.79
C SER B 309 2.54 -9.87 -26.45
N ARG B 310 1.31 -10.37 -26.38
CA ARG B 310 0.53 -10.33 -25.15
C ARG B 310 -0.42 -11.52 -25.15
N PRO B 311 -0.81 -12.02 -23.98
CA PRO B 311 -1.79 -13.10 -23.95
C PRO B 311 -3.14 -12.64 -24.46
N GLY B 312 -3.84 -13.57 -25.11
CA GLY B 312 -5.16 -13.31 -25.64
C GLY B 312 -5.89 -14.61 -25.84
N GLN B 313 -7.21 -14.51 -26.00
CA GLN B 313 -8.03 -15.67 -26.26
C GLN B 313 -7.86 -16.08 -27.72
N SER B 314 -7.67 -17.37 -27.97
CA SER B 314 -7.52 -17.86 -29.33
C SER B 314 -8.81 -17.59 -30.11
N PRO B 315 -8.73 -17.26 -31.41
CA PRO B 315 -7.56 -17.31 -32.31
C PRO B 315 -6.63 -16.10 -32.22
N CYS B 316 -6.82 -15.24 -31.23
CA CYS B 316 -6.00 -14.04 -31.11
C CYS B 316 -5.11 -14.13 -29.88
N GLU B 317 -4.48 -15.28 -29.71
CA GLU B 317 -3.57 -15.55 -28.62
C GLU B 317 -2.19 -14.96 -28.92
N TYR B 318 -1.26 -15.20 -28.00
CA TYR B 318 0.09 -14.64 -28.10
C TYR B 318 0.70 -14.94 -29.47
N ASP B 319 1.14 -13.89 -30.15
CA ASP B 319 1.89 -13.91 -31.40
C ASP B 319 1.05 -14.22 -32.62
N ASN B 320 -0.27 -14.27 -32.51
CA ASN B 320 -1.11 -14.43 -33.69
C ASN B 320 -0.88 -13.27 -34.66
N ARG B 321 -0.84 -13.58 -35.96
CA ARG B 321 -0.49 -12.59 -36.95
C ARG B 321 -1.57 -12.29 -37.98
N CYS B 322 -2.60 -13.13 -38.10
CA CYS B 322 -3.54 -12.95 -39.20
C CYS B 322 -4.91 -12.48 -38.72
N PRO B 323 -5.62 -11.69 -39.53
CA PRO B 323 -6.88 -11.09 -39.09
C PRO B 323 -7.94 -12.10 -38.67
N HIS B 324 -8.66 -11.74 -37.61
CA HIS B 324 -9.82 -12.46 -37.12
C HIS B 324 -10.79 -11.44 -36.51
N GLN B 325 -11.95 -11.93 -36.11
CA GLN B 325 -12.94 -11.12 -35.40
C GLN B 325 -12.89 -11.54 -33.93
N CYS B 326 -12.23 -10.72 -33.11
CA CYS B 326 -12.00 -11.04 -31.70
C CYS B 326 -11.77 -9.75 -30.94
N VAL B 327 -12.16 -9.75 -29.68
CA VAL B 327 -11.83 -8.67 -28.75
C VAL B 327 -11.27 -9.30 -27.49
N THR B 328 -9.97 -9.11 -27.26
CA THR B 328 -9.29 -9.72 -26.12
C THR B 328 -8.04 -8.88 -25.84
N GLY B 329 -7.04 -9.47 -25.22
CA GLY B 329 -5.78 -8.79 -25.01
C GLY B 329 -5.71 -8.10 -23.65
N VAL B 330 -4.73 -7.19 -23.54
CA VAL B 330 -4.41 -6.59 -22.25
C VAL B 330 -3.55 -5.37 -22.51
N TYR B 331 -3.65 -4.37 -21.63
CA TYR B 331 -2.82 -3.18 -21.70
C TYR B 331 -1.46 -3.47 -21.05
N THR B 332 -0.39 -3.40 -21.85
CA THR B 332 0.99 -3.54 -21.36
C THR B 332 1.83 -2.60 -22.23
N ASP B 333 1.97 -1.35 -21.80
CA ASP B 333 2.57 -0.39 -22.71
C ASP B 333 4.09 -0.56 -22.76
N LEU B 334 4.68 0.05 -23.79
CA LEU B 334 6.11 -0.01 -24.03
C LEU B 334 6.64 1.41 -23.99
N PHE B 335 7.60 1.67 -23.11
CA PHE B 335 8.17 3.01 -23.04
C PHE B 335 9.23 3.15 -24.11
N PRO B 336 9.13 4.12 -25.02
CA PRO B 336 10.10 4.23 -26.11
C PRO B 336 11.47 4.67 -25.60
N LEU B 337 12.51 3.98 -26.05
CA LEU B 337 13.88 4.34 -25.74
C LEU B 337 14.68 4.77 -26.97
N GLY B 338 14.08 4.77 -28.16
CA GLY B 338 14.73 5.30 -29.32
C GLY B 338 13.83 6.29 -30.04
N VAL B 339 14.45 7.16 -30.83
CA VAL B 339 13.72 8.21 -31.54
C VAL B 339 12.76 7.65 -32.58
N SER B 340 12.82 6.35 -32.88
CA SER B 340 11.90 5.73 -33.81
C SER B 340 11.21 4.53 -33.19
N TYR B 341 11.12 4.49 -31.86
CA TYR B 341 10.51 3.37 -31.13
C TYR B 341 11.22 2.05 -31.41
N GLU B 342 12.43 2.09 -31.98
CA GLU B 342 13.17 0.86 -32.29
C GLU B 342 13.66 0.17 -31.03
N TYR B 343 13.81 0.88 -29.93
CA TYR B 343 14.12 0.30 -28.64
C TYR B 343 13.04 0.72 -27.65
N SER B 344 12.72 -0.17 -26.73
CA SER B 344 11.72 0.15 -25.72
C SER B 344 11.87 -0.81 -24.55
N VAL B 345 11.30 -0.42 -23.41
CA VAL B 345 11.29 -1.25 -22.22
C VAL B 345 9.85 -1.35 -21.74
N THR B 346 9.49 -2.51 -21.21
CA THR B 346 8.08 -2.80 -20.93
C THR B 346 8.01 -3.89 -19.88
N ALA B 347 6.88 -3.92 -19.18
CA ALA B 347 6.47 -5.07 -18.40
C ALA B 347 5.40 -5.79 -19.21
N TYR B 348 5.74 -6.96 -19.74
CA TYR B 348 4.81 -7.71 -20.57
C TYR B 348 4.52 -9.06 -19.92
N LEU B 349 3.43 -9.69 -20.37
CA LEU B 349 2.99 -10.96 -19.84
C LEU B 349 3.40 -12.05 -20.82
N ASP B 350 4.33 -12.91 -20.41
CA ASP B 350 4.87 -13.94 -21.29
C ASP B 350 4.05 -15.21 -21.10
N GLN B 351 2.94 -15.26 -21.82
CA GLN B 351 1.99 -16.37 -21.73
C GLN B 351 1.08 -16.32 -22.95
N VAL B 352 0.53 -17.48 -23.30
CA VAL B 352 -0.18 -17.61 -24.56
C VAL B 352 -1.59 -17.04 -24.45
N GLN B 353 -2.36 -17.53 -23.47
CA GLN B 353 -3.74 -17.08 -23.28
C GLN B 353 -3.98 -16.54 -21.87
N SER B 354 -3.43 -17.17 -20.85
CA SER B 354 -3.62 -16.71 -19.48
C SER B 354 -2.81 -15.44 -19.22
N ARG B 355 -3.25 -14.68 -18.22
CA ARG B 355 -2.59 -13.44 -17.84
C ARG B 355 -1.67 -13.75 -16.66
N MET B 356 -0.46 -14.20 -16.97
CA MET B 356 0.51 -14.52 -15.94
C MET B 356 1.91 -14.38 -16.52
N ASN B 357 2.90 -14.62 -15.67
CA ASN B 357 4.32 -14.58 -15.98
C ASN B 357 4.76 -13.18 -16.40
N PRO B 358 4.61 -12.17 -15.54
CA PRO B 358 5.07 -10.82 -15.91
C PRO B 358 6.58 -10.72 -15.86
N LYS B 359 7.15 -10.07 -16.87
CA LYS B 359 8.59 -9.88 -16.98
C LYS B 359 8.89 -8.45 -17.41
N ILE B 360 9.95 -7.89 -16.85
CA ILE B 360 10.52 -6.66 -17.40
C ILE B 360 11.36 -7.03 -18.60
N ALA B 361 11.28 -6.25 -19.67
CA ALA B 361 12.00 -6.60 -20.88
C ALA B 361 12.42 -5.36 -21.64
N LEU B 362 13.68 -5.36 -22.06
CA LEU B 362 14.20 -4.42 -23.05
C LEU B 362 14.16 -5.12 -24.41
N VAL B 363 13.52 -4.49 -25.39
CA VAL B 363 13.28 -5.14 -26.67
C VAL B 363 13.68 -4.22 -27.81
N GLY B 364 14.16 -4.84 -28.89
CA GLY B 364 14.30 -4.19 -30.17
C GLY B 364 13.22 -4.67 -31.13
N ALA B 365 13.38 -4.26 -32.40
CA ALA B 365 12.38 -4.59 -33.41
C ALA B 365 12.22 -6.09 -33.58
N GLN B 366 13.34 -6.84 -33.63
CA GLN B 366 13.29 -8.26 -33.96
C GLN B 366 13.33 -9.18 -32.75
N GLU B 367 14.12 -8.86 -31.73
CA GLU B 367 14.34 -9.79 -30.63
C GLU B 367 14.40 -9.03 -29.32
N LYS B 368 14.09 -9.75 -28.24
CA LYS B 368 14.27 -9.24 -26.89
C LYS B 368 15.76 -9.13 -26.57
N ILE B 369 16.17 -8.01 -25.99
CA ILE B 369 17.56 -7.79 -25.61
C ILE B 369 17.86 -8.30 -24.21
N TYR B 370 16.93 -8.12 -23.29
CA TYR B 370 17.09 -8.55 -21.91
C TYR B 370 15.71 -8.69 -21.28
N GLU B 371 15.58 -9.64 -20.35
CA GLU B 371 14.32 -9.79 -19.67
C GLU B 371 14.56 -10.34 -18.27
N LYS B 372 13.66 -10.01 -17.35
CA LYS B 372 13.76 -10.45 -15.97
C LYS B 372 12.37 -10.79 -15.44
N THR B 373 12.22 -11.99 -14.90
CA THR B 373 10.98 -12.39 -14.27
C THR B 373 10.77 -11.60 -12.98
N ILE B 374 9.59 -11.00 -12.84
CA ILE B 374 9.35 -10.12 -11.68
C ILE B 374 9.31 -10.93 -10.39
N THR B 375 8.48 -11.98 -10.35
CA THR B 375 8.45 -12.88 -9.20
C THR B 375 8.68 -14.29 -9.74
N THR B 376 7.63 -15.07 -9.96
CA THR B 376 7.75 -16.40 -10.54
C THR B 376 7.02 -16.45 -11.86
N ASN B 377 7.14 -17.60 -12.55
CA ASN B 377 6.47 -17.75 -13.84
C ASN B 377 5.01 -18.17 -13.69
N THR B 378 4.57 -18.50 -12.49
CA THR B 378 3.16 -18.76 -12.21
C THR B 378 2.45 -17.56 -11.61
N GLN B 379 3.12 -16.41 -11.53
CA GLN B 379 2.52 -15.21 -10.95
C GLN B 379 1.45 -14.65 -11.88
N HIS B 380 0.26 -14.40 -11.32
CA HIS B 380 -0.79 -13.73 -12.08
C HIS B 380 -0.56 -12.22 -12.08
N ALA B 381 -0.84 -11.60 -13.22
CA ALA B 381 -0.70 -10.15 -13.37
C ALA B 381 -1.51 -9.71 -14.57
N ASP B 382 -1.81 -8.42 -14.62
CA ASP B 382 -2.68 -7.90 -15.67
C ASP B 382 -2.11 -6.64 -16.33
N TYR B 383 -2.75 -5.48 -16.14
CA TYR B 383 -2.29 -4.25 -16.76
C TYR B 383 -0.91 -3.86 -16.22
N THR B 384 -0.07 -3.31 -17.10
CA THR B 384 1.22 -2.76 -16.71
C THR B 384 1.48 -1.47 -17.47
N THR B 385 2.14 -0.52 -16.81
CA THR B 385 2.56 0.72 -17.47
C THR B 385 3.92 1.12 -16.96
N THR B 386 4.83 1.45 -17.89
CA THR B 386 6.23 1.71 -17.57
C THR B 386 6.60 3.13 -17.98
N SER B 387 7.34 3.83 -17.10
CA SER B 387 7.89 5.14 -17.39
C SER B 387 9.34 5.21 -16.98
N CYS B 388 10.17 5.81 -17.84
CA CYS B 388 11.60 5.93 -17.57
C CYS B 388 12.02 7.40 -17.60
N PHE B 389 13.07 7.70 -16.84
CA PHE B 389 13.54 9.06 -16.70
C PHE B 389 15.03 9.04 -16.34
N ALA B 390 15.66 10.19 -16.47
CA ALA B 390 17.05 10.39 -16.09
C ALA B 390 17.08 10.98 -14.68
N TYR B 391 17.79 10.31 -13.78
CA TYR B 391 17.97 10.79 -12.41
C TYR B 391 19.45 10.69 -12.06
N LYS B 392 20.10 11.84 -11.88
CA LYS B 392 21.52 11.90 -11.55
C LYS B 392 22.34 11.09 -12.55
N LEU B 393 22.08 11.36 -13.83
CA LEU B 393 22.83 10.82 -14.98
C LEU B 393 22.67 9.32 -15.15
N ARG B 394 21.62 8.71 -14.60
CA ARG B 394 21.31 7.32 -14.85
C ARG B 394 19.86 7.20 -15.31
N VAL B 395 19.59 6.17 -16.10
CA VAL B 395 18.23 5.89 -16.56
C VAL B 395 17.54 5.02 -15.52
N TRP B 396 16.44 5.52 -14.98
CA TRP B 396 15.62 4.77 -14.04
C TRP B 396 14.24 4.57 -14.66
N CYS B 397 13.66 3.40 -14.41
CA CYS B 397 12.32 3.10 -14.89
C CYS B 397 11.48 2.64 -13.72
N VAL B 398 10.21 3.03 -13.73
CA VAL B 398 9.23 2.49 -12.81
C VAL B 398 8.21 1.73 -13.65
N SER B 399 8.00 0.46 -13.32
CA SER B 399 7.02 -0.39 -13.98
C SER B 399 5.92 -0.69 -12.99
N ILE B 400 4.74 -0.10 -13.20
CA ILE B 400 3.60 -0.32 -12.32
C ILE B 400 2.82 -1.52 -12.88
N VAL B 401 2.69 -2.56 -12.07
CA VAL B 401 2.12 -3.83 -12.51
C VAL B 401 0.95 -4.18 -11.60
N GLU B 402 -0.19 -4.48 -12.21
CA GLU B 402 -1.33 -5.06 -11.49
C GLU B 402 -0.99 -6.49 -11.13
N MET B 403 -0.57 -6.71 -9.89
CA MET B 403 -0.23 -8.04 -9.42
C MET B 403 -1.47 -8.69 -8.82
N SER B 404 -1.61 -10.00 -9.03
CA SER B 404 -2.78 -10.72 -8.59
C SER B 404 -2.33 -12.03 -7.95
N PRO B 405 -2.85 -12.38 -6.77
CA PRO B 405 -3.81 -11.63 -5.95
C PRO B 405 -3.17 -10.51 -5.13
N GLY B 406 -3.94 -9.48 -4.77
CA GLY B 406 -3.50 -8.53 -3.78
C GLY B 406 -3.63 -9.13 -2.40
N VAL B 407 -3.32 -8.33 -1.38
CA VAL B 407 -3.35 -8.84 -0.01
C VAL B 407 -4.79 -9.09 0.43
N ILE B 408 -5.72 -8.22 0.06
CA ILE B 408 -7.14 -8.41 0.37
C ILE B 408 -7.99 -8.16 -0.86
N THR B 409 -7.35 -8.01 -2.02
CA THR B 409 -8.06 -7.67 -3.24
C THR B 409 -7.64 -8.61 -4.36
N THR B 410 -8.42 -8.57 -5.44
CA THR B 410 -8.12 -9.39 -6.61
C THR B 410 -6.85 -8.90 -7.29
N ARG B 411 -6.68 -7.59 -7.42
CA ARG B 411 -5.49 -7.01 -8.01
C ARG B 411 -4.98 -5.88 -7.12
N GLN B 412 -3.70 -5.55 -7.30
CA GLN B 412 -3.07 -4.44 -6.59
C GLN B 412 -1.88 -3.97 -7.41
N PRO B 413 -1.85 -2.71 -7.83
CA PRO B 413 -0.69 -2.21 -8.58
C PRO B 413 0.52 -2.04 -7.68
N VAL B 414 1.68 -2.45 -8.19
CA VAL B 414 2.95 -2.36 -7.48
C VAL B 414 3.92 -1.58 -8.35
N PRO B 415 4.54 -0.51 -7.84
CA PRO B 415 5.50 0.25 -8.64
C PRO B 415 6.93 -0.26 -8.50
N PHE B 416 7.36 -1.12 -9.43
CA PHE B 416 8.71 -1.63 -9.41
C PHE B 416 9.67 -0.59 -9.96
N LEU B 417 10.70 -0.25 -9.18
CA LEU B 417 11.66 0.79 -9.52
C LEU B 417 13.03 0.16 -9.71
N TYR B 418 13.70 0.49 -10.81
CA TYR B 418 14.97 -0.16 -11.11
C TYR B 418 15.81 0.73 -12.01
N HIS B 419 17.12 0.70 -11.75
CA HIS B 419 18.11 1.26 -12.65
C HIS B 419 18.18 0.43 -13.92
N LEU B 420 18.07 1.08 -15.08
CA LEU B 420 18.18 0.41 -16.38
C LEU B 420 19.55 0.76 -16.95
N ASN B 421 20.52 -0.11 -16.72
CA ASN B 421 21.93 0.17 -16.98
C ASN B 421 22.26 -0.23 -18.42
N LEU B 422 22.09 0.70 -19.35
CA LEU B 422 22.30 0.44 -20.76
C LEU B 422 23.74 0.74 -21.17
N GLY B 423 24.23 -0.05 -22.11
CA GLY B 423 25.56 0.15 -22.64
C GLY B 423 25.59 -0.19 -24.12
N CYS B 424 26.51 0.46 -24.83
CA CYS B 424 26.75 0.19 -26.24
C CYS B 424 27.95 -0.73 -26.36
N GLN B 425 27.72 -1.96 -26.80
CA GLN B 425 28.76 -2.98 -26.86
C GLN B 425 29.31 -3.09 -28.27
N ASP B 426 30.63 -2.98 -28.39
CA ASP B 426 31.33 -3.26 -29.64
C ASP B 426 31.49 -4.77 -29.77
N THR B 427 30.75 -5.37 -30.71
CA THR B 427 30.67 -6.83 -30.78
C THR B 427 31.93 -7.44 -31.39
N SER B 428 32.75 -6.63 -32.06
CA SER B 428 34.02 -7.14 -32.56
C SER B 428 35.02 -7.37 -31.43
N THR B 429 34.89 -6.63 -30.34
CA THR B 429 35.88 -6.66 -29.26
C THR B 429 35.27 -6.89 -27.88
N GLY B 430 33.98 -6.68 -27.68
CA GLY B 430 33.35 -6.85 -26.40
C GLY B 430 33.34 -5.61 -25.53
N SER B 431 34.16 -4.61 -25.87
CA SER B 431 34.28 -3.41 -25.06
C SER B 431 32.97 -2.62 -25.06
N LEU B 432 32.70 -1.99 -23.92
CA LEU B 432 31.43 -1.32 -23.69
C LEU B 432 31.64 0.19 -23.67
N THR B 433 30.62 0.91 -24.10
CA THR B 433 30.56 2.37 -23.94
C THR B 433 29.25 2.66 -23.23
N PRO B 434 29.28 3.09 -21.98
CA PRO B 434 28.02 3.26 -21.24
C PRO B 434 27.23 4.45 -21.74
N LEU B 435 25.90 4.31 -21.70
CA LEU B 435 25.01 5.40 -22.04
C LEU B 435 24.51 6.13 -20.81
#